data_6C8S
#
_entry.id   6C8S
#
_cell.length_a   57.864
_cell.length_b   116.218
_cell.length_c   136.302
_cell.angle_alpha   90.00
_cell.angle_beta   90.00
_cell.angle_gamma   90.00
#
_symmetry.space_group_name_H-M   'P 21 21 21'
#
loop_
_entity.id
_entity.type
_entity.pdbx_description
1 polymer 'Loganic acid O-methyltransferase'
2 non-polymer S-ADENOSYL-L-HOMOCYSTEINE
3 water water
#
_entity_poly.entity_id   1
_entity_poly.type   'polypeptide(L)'
_entity_poly.pdbx_seq_one_letter_code
;MVATIDSIEMPALPTAVEAHPMKGGDDSHSYSQNSCYQKGVIDAAKAVIVEAVNEKLDLENNPIFDPIKPFRIADFGCST
GPNTFHAMQNIVESVETKYKSLQKTPEFHVFFNDHVNNDFNVLFRSLPPNREFFAAGVPGSFYTRVFPKNSIHFAHCSYA
LHWLSKVPKEIQDKNSLAYNKGRIHYTGTEKHVVKAYFGQFQRDFEGFLKARAQEIVVGGLMVIQIPGLPSGEVLFSRTG
AGLLHFLLGTSLMELVNKGIINEESVDSFNLPQYHPSVEDLEMVIEMNDCFTIERVGTLPHPMKNLPFDVQRTSLQVRAI
MECILTEHFGENILDPLFEIYTKNLQENFHVFDKEIRKDADLYLVLKRKGNLEHHHHHH
;
_entity_poly.pdbx_strand_id   A,B
#
# COMPACT_ATOMS: atom_id res chain seq x y z
N PRO A 21 -0.17 12.07 -9.62
CA PRO A 21 -1.47 11.46 -9.29
C PRO A 21 -2.59 12.50 -9.11
N MET A 22 -3.80 12.03 -8.82
CA MET A 22 -4.92 12.93 -8.57
C MET A 22 -4.84 13.51 -7.15
N LYS A 23 -5.75 14.44 -6.86
CA LYS A 23 -5.75 15.10 -5.55
C LYS A 23 -6.09 14.08 -4.45
N GLY A 24 -5.26 14.03 -3.41
CA GLY A 24 -5.39 13.04 -2.36
C GLY A 24 -6.41 13.42 -1.30
N GLY A 25 -6.46 12.58 -0.26
CA GLY A 25 -7.42 12.77 0.81
C GLY A 25 -8.84 12.43 0.36
N ASP A 26 -9.78 12.63 1.29
CA ASP A 26 -11.20 12.56 0.99
C ASP A 26 -11.90 13.88 1.34
N ASP A 27 -11.25 14.99 0.97
CA ASP A 27 -11.81 16.34 1.11
C ASP A 27 -13.04 16.51 0.24
N SER A 28 -13.61 17.73 0.23
CA SER A 28 -14.55 18.08 -0.84
C SER A 28 -13.82 18.52 -2.10
N HIS A 29 -12.51 18.83 -1.99
CA HIS A 29 -11.66 19.21 -3.13
C HIS A 29 -10.78 18.06 -3.61
N SER A 30 -11.12 16.82 -3.24
CA SER A 30 -10.29 15.66 -3.54
C SER A 30 -10.82 14.92 -4.77
N TYR A 31 -10.10 13.87 -5.16
CA TYR A 31 -10.53 12.99 -6.25
C TYR A 31 -11.51 11.92 -5.80
N SER A 32 -11.53 11.58 -4.50
CA SER A 32 -12.62 10.74 -3.99
C SER A 32 -13.99 11.38 -4.21
N GLN A 33 -14.05 12.72 -4.33
CA GLN A 33 -15.30 13.47 -4.40
C GLN A 33 -15.66 14.00 -5.78
N ASN A 34 -14.66 14.28 -6.64
CA ASN A 34 -14.87 14.91 -7.94
C ASN A 34 -14.40 14.03 -9.09
N SER A 35 -14.72 12.73 -9.00
CA SER A 35 -14.38 11.72 -10.00
C SER A 35 -15.62 11.02 -10.52
N CYS A 36 -16.76 11.71 -10.50
CA CYS A 36 -18.02 11.05 -10.86
C CYS A 36 -18.15 10.83 -12.36
N TYR A 37 -17.41 11.57 -13.20
CA TYR A 37 -17.40 11.25 -14.63
C TYR A 37 -16.78 9.87 -14.87
N GLN A 38 -15.67 9.57 -14.20
CA GLN A 38 -15.01 8.27 -14.36
C GLN A 38 -15.80 7.14 -13.70
N LYS A 39 -16.72 7.46 -12.77
CA LYS A 39 -17.58 6.44 -12.17
C LYS A 39 -18.62 5.93 -13.18
N GLY A 40 -19.23 6.84 -13.95
CA GLY A 40 -20.14 6.41 -15.00
C GLY A 40 -19.46 5.67 -16.13
N VAL A 41 -18.17 5.96 -16.36
CA VAL A 41 -17.37 5.15 -17.26
C VAL A 41 -17.17 3.74 -16.69
N ILE A 42 -17.12 3.61 -15.35
CA ILE A 42 -17.06 2.29 -14.70
C ILE A 42 -18.43 1.60 -14.76
N ASP A 43 -19.52 2.36 -14.64
CA ASP A 43 -20.86 1.79 -14.47
C ASP A 43 -21.38 1.15 -15.76
N ALA A 44 -21.26 1.86 -16.90
CA ALA A 44 -21.57 1.25 -18.19
C ALA A 44 -20.48 0.28 -18.61
N ALA A 45 -19.31 0.36 -17.98
CA ALA A 45 -18.26 -0.61 -18.25
C ALA A 45 -18.60 -1.96 -17.64
N LYS A 46 -19.40 -1.97 -16.56
CA LYS A 46 -19.72 -3.24 -15.91
C LYS A 46 -20.17 -4.28 -16.92
N ALA A 47 -20.95 -3.86 -17.92
CA ALA A 47 -21.41 -4.78 -18.93
C ALA A 47 -20.24 -5.29 -19.78
N VAL A 48 -19.23 -4.46 -20.00
CA VAL A 48 -18.05 -4.95 -20.71
C VAL A 48 -17.35 -6.01 -19.88
N ILE A 49 -17.22 -5.77 -18.57
CA ILE A 49 -16.57 -6.75 -17.71
C ILE A 49 -17.39 -8.04 -17.67
N VAL A 50 -18.70 -7.93 -17.43
CA VAL A 50 -19.53 -9.13 -17.35
C VAL A 50 -19.47 -9.92 -18.65
N GLU A 51 -19.55 -9.23 -19.78
CA GLU A 51 -19.56 -9.92 -21.07
C GLU A 51 -18.21 -10.56 -21.34
N ALA A 52 -17.12 -9.88 -20.96
CA ALA A 52 -15.79 -10.43 -21.19
C ALA A 52 -15.57 -11.70 -20.38
N VAL A 53 -16.04 -11.70 -19.13
CA VAL A 53 -15.90 -12.88 -18.29
C VAL A 53 -16.71 -14.04 -18.88
N ASN A 54 -17.99 -13.79 -19.22
CA ASN A 54 -18.86 -14.87 -19.68
C ASN A 54 -18.45 -15.39 -21.04
N GLU A 55 -17.95 -14.55 -21.94
CA GLU A 55 -17.62 -15.02 -23.28
C GLU A 55 -16.18 -15.46 -23.46
N LYS A 56 -15.22 -14.87 -22.71
CA LYS A 56 -13.81 -15.00 -23.05
C LYS A 56 -12.89 -15.50 -21.94
N LEU A 57 -13.36 -15.63 -20.70
CA LEU A 57 -12.53 -16.16 -19.62
C LEU A 57 -12.74 -17.67 -19.55
N ASP A 58 -11.73 -18.42 -20.00
CA ASP A 58 -11.87 -19.87 -20.22
C ASP A 58 -11.50 -20.60 -18.93
N LEU A 59 -12.44 -20.59 -17.99
CA LEU A 59 -12.21 -21.24 -16.70
C LEU A 59 -12.23 -22.76 -16.80
N GLU A 60 -13.09 -23.30 -17.65
CA GLU A 60 -13.47 -24.70 -17.54
C GLU A 60 -12.35 -25.61 -18.04
N ASN A 61 -11.96 -26.57 -17.21
CA ASN A 61 -10.90 -27.53 -17.50
C ASN A 61 -9.56 -26.85 -17.77
N ASN A 62 -9.39 -25.63 -17.27
CA ASN A 62 -8.18 -24.86 -17.53
C ASN A 62 -7.33 -24.75 -16.27
N PRO A 63 -6.21 -25.46 -16.18
CA PRO A 63 -5.41 -25.38 -14.95
C PRO A 63 -4.82 -24.01 -14.71
N ILE A 64 -4.73 -23.15 -15.74
CA ILE A 64 -4.30 -21.77 -15.53
C ILE A 64 -5.17 -21.10 -14.47
N PHE A 65 -6.44 -21.46 -14.41
CA PHE A 65 -7.43 -20.85 -13.53
C PHE A 65 -7.87 -21.81 -12.42
N ASP A 66 -7.01 -22.76 -12.08
CA ASP A 66 -7.27 -23.76 -11.06
C ASP A 66 -7.82 -23.12 -9.78
N PRO A 67 -9.07 -23.42 -9.40
CA PRO A 67 -9.68 -22.73 -8.26
C PRO A 67 -9.08 -23.07 -6.91
N ILE A 68 -8.18 -24.06 -6.84
CA ILE A 68 -7.41 -24.31 -5.63
C ILE A 68 -6.38 -23.21 -5.38
N LYS A 69 -5.98 -22.48 -6.42
CA LYS A 69 -5.05 -21.37 -6.27
C LYS A 69 -5.80 -20.06 -6.36
N PRO A 70 -5.25 -18.96 -5.83
CA PRO A 70 -6.00 -17.70 -5.86
C PRO A 70 -6.23 -17.19 -7.27
N PHE A 71 -7.38 -16.50 -7.46
CA PHE A 71 -7.63 -15.75 -8.68
C PHE A 71 -7.18 -14.30 -8.45
N ARG A 72 -6.19 -13.84 -9.22
CA ARG A 72 -5.51 -12.60 -8.92
C ARG A 72 -5.94 -11.52 -9.90
N ILE A 73 -6.38 -10.39 -9.36
CA ILE A 73 -6.88 -9.26 -10.14
C ILE A 73 -6.02 -8.05 -9.83
N ALA A 74 -5.71 -7.26 -10.85
CA ALA A 74 -4.95 -6.05 -10.63
C ALA A 74 -5.62 -4.87 -11.31
N ASP A 75 -5.71 -3.76 -10.59
CA ASP A 75 -6.16 -2.50 -11.15
C ASP A 75 -4.95 -1.59 -11.30
N PHE A 76 -4.74 -1.07 -12.51
CA PHE A 76 -3.58 -0.25 -12.82
C PHE A 76 -4.03 1.20 -12.89
N GLY A 77 -3.53 2.03 -11.98
CA GLY A 77 -3.98 3.41 -11.88
C GLY A 77 -5.26 3.51 -11.09
N CYS A 78 -5.28 2.89 -9.92
CA CYS A 78 -6.49 2.71 -9.13
C CYS A 78 -6.95 3.98 -8.42
N SER A 79 -6.07 4.95 -8.22
CA SER A 79 -6.32 6.19 -7.44
C SER A 79 -6.72 5.81 -6.02
N THR A 80 -7.72 6.50 -5.45
CA THR A 80 -7.99 6.45 -4.02
C THR A 80 -9.38 5.95 -3.68
N GLY A 81 -10.20 5.59 -4.67
CA GLY A 81 -11.57 5.16 -4.47
C GLY A 81 -12.53 6.31 -4.65
N PRO A 82 -13.83 6.01 -4.79
CA PRO A 82 -14.42 4.68 -4.71
C PRO A 82 -14.41 3.89 -6.03
N ASN A 83 -14.12 4.57 -7.15
CA ASN A 83 -14.24 3.95 -8.47
C ASN A 83 -13.52 2.61 -8.53
N THR A 84 -12.27 2.55 -8.03
CA THR A 84 -11.52 1.31 -8.11
C THR A 84 -12.24 0.19 -7.37
N PHE A 85 -12.87 0.49 -6.23
CA PHE A 85 -13.59 -0.56 -5.50
C PHE A 85 -14.80 -1.06 -6.28
N HIS A 86 -15.47 -0.20 -7.05
CA HIS A 86 -16.61 -0.65 -7.86
C HIS A 86 -16.14 -1.54 -9.01
N ALA A 87 -15.07 -1.14 -9.69
CA ALA A 87 -14.51 -1.98 -10.76
C ALA A 87 -14.06 -3.33 -10.22
N MET A 88 -13.31 -3.33 -9.12
CA MET A 88 -12.83 -4.59 -8.55
C MET A 88 -13.99 -5.49 -8.15
N GLN A 89 -15.00 -4.93 -7.49
CA GLN A 89 -16.16 -5.74 -7.10
C GLN A 89 -16.83 -6.34 -8.33
N ASN A 90 -16.99 -5.55 -9.40
CA ASN A 90 -17.59 -6.08 -10.64
C ASN A 90 -16.81 -7.29 -11.14
N ILE A 91 -15.48 -7.16 -11.25
CA ILE A 91 -14.68 -8.28 -11.71
C ILE A 91 -14.87 -9.47 -10.77
N VAL A 92 -14.77 -9.24 -9.46
CA VAL A 92 -14.86 -10.35 -8.51
C VAL A 92 -16.20 -11.07 -8.64
N GLU A 93 -17.29 -10.30 -8.75
CA GLU A 93 -18.63 -10.91 -8.79
C GLU A 93 -18.87 -11.67 -10.08
N SER A 94 -18.43 -11.13 -11.22
CA SER A 94 -18.56 -11.85 -12.48
C SER A 94 -17.77 -13.15 -12.44
N VAL A 95 -16.49 -13.08 -12.04
CA VAL A 95 -15.64 -14.27 -12.05
C VAL A 95 -16.15 -15.29 -11.05
N GLU A 96 -16.56 -14.85 -9.86
CA GLU A 96 -17.13 -15.75 -8.87
C GLU A 96 -18.37 -16.46 -9.41
N THR A 97 -19.21 -15.74 -10.17
CA THR A 97 -20.40 -16.35 -10.73
C THR A 97 -20.06 -17.43 -11.75
N LYS A 98 -19.09 -17.17 -12.64
CA LYS A 98 -18.70 -18.19 -13.59
C LYS A 98 -18.12 -19.42 -12.87
N TYR A 99 -17.27 -19.22 -11.86
CA TYR A 99 -16.73 -20.36 -11.10
C TYR A 99 -17.84 -21.17 -10.43
N LYS A 100 -18.84 -20.50 -9.85
CA LYS A 100 -19.93 -21.21 -9.19
C LYS A 100 -20.77 -22.01 -10.17
N SER A 101 -20.83 -21.59 -11.44
CA SER A 101 -21.44 -22.43 -12.47
C SER A 101 -20.65 -23.71 -12.72
N LEU A 102 -19.41 -23.78 -12.24
CA LEU A 102 -18.61 -24.99 -12.32
C LEU A 102 -18.40 -25.60 -10.94
N GLN A 103 -19.19 -25.16 -9.96
CA GLN A 103 -19.18 -25.68 -8.59
C GLN A 103 -17.81 -25.53 -7.93
N LYS A 104 -17.21 -24.36 -8.11
CA LYS A 104 -15.93 -24.03 -7.50
C LYS A 104 -16.01 -22.65 -6.89
N THR A 105 -15.19 -22.43 -5.86
CA THR A 105 -15.14 -21.14 -5.17
C THR A 105 -13.68 -20.82 -4.82
N PRO A 106 -12.98 -20.05 -5.65
CA PRO A 106 -11.60 -19.69 -5.34
C PRO A 106 -11.53 -18.54 -4.35
N GLU A 107 -10.35 -18.39 -3.72
CA GLU A 107 -10.01 -17.14 -3.06
C GLU A 107 -9.57 -16.11 -4.11
N PHE A 108 -9.89 -14.85 -3.85
CA PHE A 108 -9.52 -13.74 -4.72
C PHE A 108 -8.44 -12.89 -4.06
N HIS A 109 -7.44 -12.51 -4.83
CA HIS A 109 -6.38 -11.61 -4.36
C HIS A 109 -6.37 -10.40 -5.28
N VAL A 110 -6.71 -9.23 -4.76
CA VAL A 110 -6.93 -8.04 -5.57
C VAL A 110 -5.82 -7.03 -5.29
N PHE A 111 -5.16 -6.58 -6.36
CA PHE A 111 -4.02 -5.67 -6.25
C PHE A 111 -4.37 -4.30 -6.81
N PHE A 112 -4.06 -3.26 -6.03
CA PHE A 112 -4.37 -1.87 -6.36
C PHE A 112 -3.06 -1.14 -6.67
N ASN A 113 -2.86 -0.79 -7.95
CA ASN A 113 -1.58 -0.22 -8.37
C ASN A 113 -1.73 1.24 -8.74
N ASP A 114 -0.72 2.02 -8.38
CA ASP A 114 -0.67 3.43 -8.73
C ASP A 114 0.76 3.89 -8.45
N HIS A 115 1.03 5.14 -8.83
CA HIS A 115 2.28 5.82 -8.50
C HIS A 115 2.60 5.72 -7.01
N VAL A 116 3.89 5.76 -6.68
CA VAL A 116 4.30 5.63 -5.28
C VAL A 116 3.69 6.72 -4.41
N ASN A 117 3.53 7.95 -4.91
CA ASN A 117 2.91 8.95 -4.05
C ASN A 117 1.41 9.13 -4.32
N ASN A 118 0.76 8.11 -4.88
CA ASN A 118 -0.68 8.00 -4.71
C ASN A 118 -0.99 7.90 -3.21
N ASP A 119 -2.16 8.42 -2.81
CA ASP A 119 -2.55 8.39 -1.39
C ASP A 119 -3.13 7.02 -1.05
N PHE A 120 -2.24 6.04 -0.83
CA PHE A 120 -2.67 4.69 -0.47
C PHE A 120 -3.23 4.63 0.94
N ASN A 121 -2.83 5.55 1.84
CA ASN A 121 -3.45 5.58 3.17
C ASN A 121 -4.95 5.74 3.04
N VAL A 122 -5.38 6.67 2.18
CA VAL A 122 -6.81 6.93 1.98
C VAL A 122 -7.48 5.73 1.34
N LEU A 123 -6.85 5.14 0.31
CA LEU A 123 -7.36 3.91 -0.29
C LEU A 123 -7.56 2.81 0.75
N PHE A 124 -6.53 2.54 1.54
CA PHE A 124 -6.62 1.43 2.49
C PHE A 124 -7.70 1.71 3.53
N ARG A 125 -7.75 2.95 4.04
CA ARG A 125 -8.75 3.31 5.01
C ARG A 125 -10.16 3.29 4.44
N SER A 126 -10.31 3.36 3.11
CA SER A 126 -11.62 3.28 2.47
C SER A 126 -11.97 1.89 1.98
N LEU A 127 -11.11 0.89 2.15
CA LEU A 127 -11.41 -0.44 1.65
C LEU A 127 -12.75 -0.89 2.22
N PRO A 128 -13.64 -1.44 1.40
CA PRO A 128 -14.96 -1.85 1.92
C PRO A 128 -14.82 -2.85 3.04
N PRO A 129 -15.49 -2.60 4.17
CA PRO A 129 -15.35 -3.51 5.32
C PRO A 129 -15.88 -4.90 5.06
N ASN A 130 -16.89 -5.05 4.20
CA ASN A 130 -17.48 -6.35 3.93
C ASN A 130 -16.86 -7.05 2.71
N ARG A 131 -15.65 -6.66 2.30
CA ARG A 131 -15.03 -7.22 1.10
C ARG A 131 -14.74 -8.70 1.28
N GLU A 132 -14.90 -9.46 0.20
CA GLU A 132 -14.62 -10.89 0.18
C GLU A 132 -13.41 -11.23 -0.71
N PHE A 133 -12.41 -10.34 -0.71
CA PHE A 133 -11.14 -10.61 -1.36
C PHE A 133 -10.02 -10.14 -0.44
N PHE A 134 -8.85 -10.72 -0.63
CA PHE A 134 -7.66 -10.18 0.00
C PHE A 134 -7.15 -9.02 -0.83
N ALA A 135 -6.64 -7.99 -0.17
CA ALA A 135 -6.27 -6.76 -0.84
C ALA A 135 -4.79 -6.43 -0.63
N ALA A 136 -4.17 -5.84 -1.63
CA ALA A 136 -2.84 -5.27 -1.45
C ALA A 136 -2.69 -4.05 -2.35
N GLY A 137 -1.88 -3.10 -1.92
CA GLY A 137 -1.53 -1.93 -2.72
C GLY A 137 -0.14 -2.12 -3.31
N VAL A 138 0.01 -1.75 -4.56
CA VAL A 138 1.23 -1.99 -5.32
C VAL A 138 1.71 -0.65 -5.87
N PRO A 139 2.71 -0.05 -5.23
CA PRO A 139 3.23 1.25 -5.67
C PRO A 139 4.24 1.08 -6.80
N GLY A 140 4.12 1.90 -7.83
CA GLY A 140 5.04 1.86 -8.95
C GLY A 140 4.36 2.23 -10.25
N SER A 141 5.15 2.78 -11.18
CA SER A 141 4.60 3.14 -12.47
C SER A 141 4.22 1.90 -13.25
N PHE A 142 3.04 1.92 -13.89
CA PHE A 142 2.68 0.76 -14.69
C PHE A 142 3.33 0.75 -16.07
N TYR A 143 4.18 1.71 -16.37
CA TYR A 143 5.09 1.54 -17.51
C TYR A 143 6.31 0.67 -17.15
N THR A 144 6.36 0.10 -15.93
CA THR A 144 7.35 -0.86 -15.50
C THR A 144 6.66 -2.14 -15.04
N ARG A 145 7.46 -3.18 -14.87
CA ARG A 145 7.01 -4.39 -14.16
C ARG A 145 6.77 -4.09 -12.69
N VAL A 146 5.60 -4.45 -12.18
CA VAL A 146 5.31 -4.35 -10.75
C VAL A 146 4.86 -5.67 -10.14
N PHE A 147 4.73 -6.73 -10.93
CA PHE A 147 4.35 -8.06 -10.48
C PHE A 147 5.34 -9.11 -10.98
N PRO A 148 5.47 -10.22 -10.24
CA PRO A 148 6.15 -11.39 -10.81
C PRO A 148 5.48 -11.84 -12.10
N LYS A 149 6.27 -12.51 -12.94
CA LYS A 149 5.76 -13.05 -14.19
C LYS A 149 4.59 -13.99 -13.95
N ASN A 150 3.66 -14.00 -14.90
CA ASN A 150 2.74 -15.13 -15.02
C ASN A 150 1.85 -15.29 -13.78
N SER A 151 1.43 -14.16 -13.18
CA SER A 151 0.74 -14.18 -11.91
C SER A 151 -0.62 -13.48 -11.89
N ILE A 152 -0.99 -12.71 -12.90
CA ILE A 152 -2.23 -11.96 -12.90
C ILE A 152 -3.21 -12.63 -13.84
N HIS A 153 -4.41 -12.95 -13.32
CA HIS A 153 -5.46 -13.57 -14.11
C HIS A 153 -6.36 -12.56 -14.80
N PHE A 154 -6.64 -11.42 -14.16
CA PHE A 154 -7.50 -10.39 -14.75
C PHE A 154 -6.95 -9.02 -14.44
N ALA A 155 -6.66 -8.24 -15.47
CA ALA A 155 -6.09 -6.91 -15.32
C ALA A 155 -7.08 -5.85 -15.77
N HIS A 156 -7.00 -4.68 -15.14
CA HIS A 156 -7.97 -3.62 -15.37
C HIS A 156 -7.23 -2.30 -15.36
N CYS A 157 -7.58 -1.43 -16.31
CA CYS A 157 -6.92 -0.12 -16.35
C CYS A 157 -7.91 0.88 -16.92
N SER A 158 -8.42 1.77 -16.05
CA SER A 158 -9.50 2.66 -16.42
C SER A 158 -9.07 4.11 -16.26
N TYR A 159 -9.10 4.84 -17.37
CA TYR A 159 -8.93 6.27 -17.34
C TYR A 159 -7.56 6.67 -16.81
N ALA A 160 -6.52 5.94 -17.23
CA ALA A 160 -5.17 6.22 -16.73
C ALA A 160 -4.14 6.22 -17.86
N LEU A 161 -4.37 5.41 -18.90
CA LEU A 161 -3.37 5.20 -19.95
C LEU A 161 -3.24 6.37 -20.91
N HIS A 162 -4.11 7.37 -20.83
CA HIS A 162 -3.88 8.59 -21.60
C HIS A 162 -2.80 9.46 -20.98
N TRP A 163 -2.44 9.20 -19.73
CA TRP A 163 -1.32 9.89 -19.09
C TRP A 163 -0.01 9.29 -19.59
N LEU A 164 0.80 10.11 -20.24
CA LEU A 164 2.12 9.67 -20.69
C LEU A 164 3.11 9.60 -19.53
N SER A 165 4.22 8.89 -19.74
CA SER A 165 5.27 8.86 -18.72
C SER A 165 5.96 10.22 -18.55
N LYS A 166 5.97 11.03 -19.60
CA LYS A 166 6.55 12.36 -19.54
C LYS A 166 5.99 13.16 -20.71
N VAL A 167 6.14 14.47 -20.63
CA VAL A 167 5.97 15.29 -21.83
C VAL A 167 7.06 14.93 -22.84
N PRO A 168 6.73 14.69 -24.11
CA PRO A 168 7.79 14.44 -25.09
C PRO A 168 8.76 15.61 -25.13
N LYS A 169 10.04 15.30 -24.96
CA LYS A 169 11.01 16.35 -24.64
C LYS A 169 11.12 17.37 -25.77
N GLU A 170 10.94 16.95 -27.02
CA GLU A 170 11.16 17.89 -28.11
C GLU A 170 10.12 19.01 -28.15
N ILE A 171 8.94 18.84 -27.54
CA ILE A 171 7.99 19.96 -27.53
C ILE A 171 8.32 20.98 -26.45
N GLN A 172 9.25 20.66 -25.54
CA GLN A 172 9.75 21.60 -24.54
C GLN A 172 10.98 22.35 -25.02
N ASP A 173 11.51 22.01 -26.20
CA ASP A 173 12.73 22.60 -26.74
C ASP A 173 12.37 23.76 -27.65
N LYS A 174 12.82 24.96 -27.28
CA LYS A 174 12.57 26.16 -28.10
C LYS A 174 13.08 26.00 -29.52
N ASN A 175 14.19 25.29 -29.72
CA ASN A 175 14.83 25.15 -31.02
C ASN A 175 14.26 24.02 -31.86
N SER A 176 13.23 23.33 -31.38
CA SER A 176 12.68 22.18 -32.07
C SER A 176 11.57 22.57 -33.03
N LEU A 177 11.47 21.82 -34.13
CA LEU A 177 10.31 21.91 -35.01
C LEU A 177 9.00 21.66 -34.25
N ALA A 178 9.05 20.91 -33.16
CA ALA A 178 7.86 20.51 -32.42
C ALA A 178 7.57 21.39 -31.22
N TYR A 179 8.22 22.56 -31.11
CA TYR A 179 8.06 23.39 -29.93
C TYR A 179 6.62 23.85 -29.80
N ASN A 180 6.05 23.71 -28.61
CA ASN A 180 4.63 23.97 -28.40
C ASN A 180 4.45 25.32 -27.74
N LYS A 181 4.81 26.35 -28.50
CA LYS A 181 4.66 27.72 -28.03
C LYS A 181 3.18 28.11 -27.97
N GLY A 182 2.82 28.87 -26.94
CA GLY A 182 1.49 29.43 -26.85
C GLY A 182 0.37 28.44 -26.62
N ARG A 183 0.67 27.14 -26.45
CA ARG A 183 -0.34 26.15 -26.11
C ARG A 183 0.16 25.26 -24.98
N ILE A 184 -0.76 24.53 -24.37
CA ILE A 184 -0.45 23.60 -23.30
C ILE A 184 -0.76 22.17 -23.67
N HIS A 185 -1.35 21.93 -24.82
CA HIS A 185 -1.55 20.58 -25.33
C HIS A 185 -1.51 20.63 -26.86
N TYR A 186 -2.16 19.69 -27.53
CA TYR A 186 -2.30 19.70 -28.98
C TYR A 186 -3.77 19.73 -29.31
N THR A 187 -4.11 20.24 -30.50
CA THR A 187 -5.47 20.17 -31.02
C THR A 187 -5.60 19.24 -32.21
N GLY A 188 -4.51 18.86 -32.85
CA GLY A 188 -4.54 17.98 -34.00
C GLY A 188 -4.12 18.64 -35.28
N THR A 189 -3.97 19.96 -35.31
CA THR A 189 -3.51 20.63 -36.52
C THR A 189 -2.00 20.85 -36.51
N GLU A 190 -1.39 21.04 -35.33
CA GLU A 190 0.06 21.19 -35.21
C GLU A 190 0.74 19.86 -35.51
N LYS A 191 1.14 19.65 -36.75
CA LYS A 191 1.55 18.32 -37.18
C LYS A 191 2.82 17.84 -36.46
N HIS A 192 3.75 18.75 -36.17
CA HIS A 192 4.97 18.35 -35.49
C HIS A 192 4.71 18.05 -34.00
N VAL A 193 3.84 18.83 -33.37
CA VAL A 193 3.53 18.58 -31.96
C VAL A 193 2.78 17.27 -31.80
N VAL A 194 1.79 17.03 -32.67
CA VAL A 194 0.98 15.83 -32.58
C VAL A 194 1.83 14.59 -32.82
N LYS A 195 2.73 14.66 -33.80
CA LYS A 195 3.66 13.55 -34.03
C LYS A 195 4.48 13.24 -32.79
N ALA A 196 4.95 14.28 -32.08
CA ALA A 196 5.74 14.09 -30.88
C ALA A 196 4.93 13.41 -29.77
N TYR A 197 3.69 13.86 -29.54
CA TYR A 197 2.86 13.22 -28.53
C TYR A 197 2.57 11.76 -28.89
N PHE A 198 2.32 11.50 -30.18
CA PHE A 198 1.99 10.15 -30.61
C PHE A 198 3.19 9.22 -30.46
N GLY A 199 4.37 9.69 -30.86
CA GLY A 199 5.57 8.92 -30.62
C GLY A 199 5.76 8.57 -29.16
N GLN A 200 5.46 9.51 -28.26
CA GLN A 200 5.60 9.22 -26.84
C GLN A 200 4.55 8.20 -26.40
N PHE A 201 3.33 8.32 -26.92
CA PHE A 201 2.30 7.35 -26.60
C PHE A 201 2.68 5.95 -27.07
N GLN A 202 3.22 5.84 -28.30
CA GLN A 202 3.66 4.55 -28.80
C GLN A 202 4.66 3.90 -27.86
N ARG A 203 5.66 4.66 -27.44
CA ARG A 203 6.68 4.12 -26.55
C ARG A 203 6.10 3.74 -25.20
N ASP A 204 5.28 4.61 -24.60
CA ASP A 204 4.70 4.34 -23.29
C ASP A 204 3.78 3.12 -23.33
N PHE A 205 2.79 3.12 -24.23
CA PHE A 205 1.79 2.06 -24.27
C PHE A 205 2.42 0.71 -24.62
N GLU A 206 3.40 0.74 -25.51
CA GLU A 206 4.18 -0.46 -25.81
C GLU A 206 4.85 -1.00 -24.55
N GLY A 207 5.47 -0.12 -23.75
CA GLY A 207 6.09 -0.56 -22.52
C GLY A 207 5.08 -1.09 -21.52
N PHE A 208 3.87 -0.52 -21.52
CA PHE A 208 2.80 -1.05 -20.69
C PHE A 208 2.43 -2.45 -21.14
N LEU A 209 2.28 -2.65 -22.45
CA LEU A 209 1.92 -3.97 -22.97
C LEU A 209 3.04 -4.98 -22.75
N LYS A 210 4.30 -4.56 -22.89
CA LYS A 210 5.43 -5.43 -22.58
C LYS A 210 5.37 -5.95 -21.15
N ALA A 211 5.20 -5.03 -20.19
CA ALA A 211 5.16 -5.45 -18.80
C ALA A 211 3.93 -6.30 -18.51
N ARG A 212 2.78 -5.92 -19.06
CA ARG A 212 1.56 -6.68 -18.79
C ARG A 212 1.62 -8.06 -19.41
N ALA A 213 2.18 -8.19 -20.62
CA ALA A 213 2.36 -9.50 -21.22
C ALA A 213 3.17 -10.43 -20.32
N GLN A 214 4.16 -9.90 -19.60
CA GLN A 214 4.91 -10.79 -18.74
C GLN A 214 4.17 -11.17 -17.47
N GLU A 215 3.29 -10.28 -16.98
CA GLU A 215 2.60 -10.50 -15.71
C GLU A 215 1.34 -11.34 -15.85
N ILE A 216 0.68 -11.25 -17.00
CA ILE A 216 -0.65 -11.82 -17.20
C ILE A 216 -0.51 -13.25 -17.74
N VAL A 217 -1.25 -14.17 -17.13
CA VAL A 217 -1.18 -15.57 -17.53
C VAL A 217 -1.75 -15.73 -18.94
N VAL A 218 -1.35 -16.83 -19.58
CA VAL A 218 -1.92 -17.19 -20.85
C VAL A 218 -3.42 -17.40 -20.69
N GLY A 219 -4.21 -16.78 -21.57
CA GLY A 219 -5.64 -16.75 -21.41
C GLY A 219 -6.16 -15.70 -20.45
N GLY A 220 -5.29 -15.00 -19.71
CA GLY A 220 -5.76 -13.94 -18.84
C GLY A 220 -6.33 -12.78 -19.63
N LEU A 221 -7.23 -12.02 -19.01
CA LEU A 221 -7.88 -10.90 -19.67
C LEU A 221 -7.38 -9.57 -19.13
N MET A 222 -7.33 -8.57 -20.01
CA MET A 222 -7.06 -7.19 -19.61
C MET A 222 -8.14 -6.29 -20.21
N VAL A 223 -8.82 -5.54 -19.36
CA VAL A 223 -9.84 -4.58 -19.79
C VAL A 223 -9.29 -3.18 -19.62
N ILE A 224 -9.30 -2.40 -20.71
CA ILE A 224 -8.78 -1.05 -20.73
C ILE A 224 -9.90 -0.10 -21.09
N GLN A 225 -10.03 0.98 -20.32
CA GLN A 225 -10.88 2.11 -20.66
C GLN A 225 -10.01 3.35 -20.74
N ILE A 226 -10.13 4.10 -21.83
CA ILE A 226 -9.20 5.20 -22.05
C ILE A 226 -9.88 6.34 -22.80
N PRO A 227 -9.72 7.59 -22.38
CA PRO A 227 -10.19 8.71 -23.19
C PRO A 227 -9.49 8.68 -24.54
N GLY A 228 -10.29 8.76 -25.62
CA GLY A 228 -9.72 8.60 -26.94
C GLY A 228 -10.26 9.53 -28.00
N LEU A 229 -10.07 9.14 -29.26
CA LEU A 229 -10.72 9.84 -30.36
C LEU A 229 -11.88 9.00 -30.87
N PRO A 230 -13.07 9.57 -31.10
CA PRO A 230 -14.08 8.83 -31.86
C PRO A 230 -13.53 8.57 -33.27
N SER A 231 -13.84 7.39 -33.81
CA SER A 231 -13.21 6.97 -35.07
C SER A 231 -13.56 7.91 -36.22
N GLY A 232 -12.56 8.20 -37.06
CA GLY A 232 -12.68 9.10 -38.18
C GLY A 232 -12.24 10.51 -37.88
N GLU A 233 -12.41 10.94 -36.62
CA GLU A 233 -12.08 12.29 -36.21
C GLU A 233 -10.58 12.49 -36.17
N VAL A 234 -10.11 13.63 -36.69
CA VAL A 234 -8.70 13.95 -36.66
C VAL A 234 -8.44 14.96 -35.54
N LEU A 235 -9.44 15.79 -35.25
CA LEU A 235 -9.22 16.98 -34.42
C LEU A 235 -9.59 16.64 -32.98
N PHE A 236 -8.56 16.44 -32.15
CA PHE A 236 -8.77 16.33 -30.72
C PHE A 236 -9.53 17.53 -30.16
N SER A 237 -9.29 18.72 -30.72
CA SER A 237 -9.99 19.93 -30.26
C SER A 237 -11.49 19.91 -30.50
N ARG A 238 -12.04 18.82 -31.02
CA ARG A 238 -13.48 18.69 -31.21
C ARG A 238 -14.08 17.65 -30.28
N THR A 239 -13.29 17.07 -29.39
CA THR A 239 -13.87 16.32 -28.29
C THR A 239 -13.99 17.23 -27.07
N GLY A 240 -14.65 16.73 -26.05
CA GLY A 240 -14.72 17.45 -24.80
C GLY A 240 -13.34 17.71 -24.25
N ALA A 241 -12.54 16.64 -24.08
CA ALA A 241 -11.21 16.78 -23.51
C ALA A 241 -10.37 17.81 -24.26
N GLY A 242 -10.43 17.78 -25.59
CA GLY A 242 -9.59 18.69 -26.35
C GLY A 242 -9.98 20.14 -26.15
N LEU A 243 -11.28 20.43 -26.12
CA LEU A 243 -11.70 21.80 -25.90
C LEU A 243 -11.40 22.25 -24.48
N LEU A 244 -11.65 21.36 -23.50
CA LEU A 244 -11.33 21.66 -22.11
C LEU A 244 -9.85 22.03 -21.98
N HIS A 245 -8.98 21.29 -22.65
CA HIS A 245 -7.55 21.58 -22.59
C HIS A 245 -7.23 22.87 -23.32
N PHE A 246 -7.80 23.06 -24.50
CA PHE A 246 -7.59 24.32 -25.22
C PHE A 246 -8.01 25.51 -24.37
N LEU A 247 -9.11 25.37 -23.62
CA LEU A 247 -9.62 26.47 -22.80
C LEU A 247 -8.83 26.65 -21.51
N LEU A 248 -8.24 25.58 -20.98
CA LEU A 248 -7.28 25.76 -19.90
C LEU A 248 -6.11 26.60 -20.38
N GLY A 249 -5.66 26.38 -21.61
CA GLY A 249 -4.53 27.13 -22.13
C GLY A 249 -4.83 28.61 -22.31
N THR A 250 -5.94 28.93 -22.99
CA THR A 250 -6.31 30.32 -23.18
C THR A 250 -6.56 31.02 -21.84
N SER A 251 -7.16 30.31 -20.88
CA SER A 251 -7.30 30.84 -19.53
C SER A 251 -5.95 31.20 -18.92
N LEU A 252 -4.93 30.35 -19.11
CA LEU A 252 -3.60 30.66 -18.57
C LEU A 252 -3.00 31.87 -19.28
N MET A 253 -3.28 32.01 -20.58
CA MET A 253 -2.80 33.17 -21.32
C MET A 253 -3.52 34.44 -20.90
N GLU A 254 -4.75 34.30 -20.39
CA GLU A 254 -5.39 35.45 -19.77
C GLU A 254 -4.65 35.89 -18.51
N LEU A 255 -4.19 34.93 -17.70
CA LEU A 255 -3.37 35.30 -16.55
C LEU A 255 -2.08 35.96 -17.00
N VAL A 256 -1.52 35.52 -18.14
CA VAL A 256 -0.32 36.15 -18.71
C VAL A 256 -0.60 37.60 -19.06
N ASN A 257 -1.71 37.86 -19.75
CA ASN A 257 -2.01 39.20 -20.23
C ASN A 257 -2.32 40.16 -19.09
N LYS A 258 -2.87 39.66 -17.99
CA LYS A 258 -2.98 40.44 -16.77
C LYS A 258 -1.65 40.59 -16.04
N GLY A 259 -0.63 39.82 -16.44
CA GLY A 259 0.67 39.88 -15.83
C GLY A 259 0.85 39.06 -14.57
N ILE A 260 -0.17 38.29 -14.16
CA ILE A 260 -0.07 37.47 -12.95
C ILE A 260 0.96 36.35 -13.12
N ILE A 261 1.18 35.91 -14.36
CA ILE A 261 2.27 35.00 -14.68
C ILE A 261 2.89 35.50 -15.97
N ASN A 262 4.08 34.99 -16.28
CA ASN A 262 4.78 35.40 -17.49
C ASN A 262 4.52 34.42 -18.63
N GLU A 263 4.68 34.92 -19.85
CA GLU A 263 4.46 34.11 -21.03
C GLU A 263 5.29 32.83 -21.00
N GLU A 264 6.50 32.88 -20.45
CA GLU A 264 7.38 31.73 -20.50
C GLU A 264 6.86 30.57 -19.67
N SER A 265 6.12 30.87 -18.60
CA SER A 265 5.58 29.81 -17.74
C SER A 265 4.53 28.97 -18.47
N VAL A 266 3.82 29.56 -19.42
CA VAL A 266 2.85 28.81 -20.23
C VAL A 266 3.54 28.14 -21.41
N ASP A 267 4.49 28.83 -22.04
CA ASP A 267 5.18 28.23 -23.17
C ASP A 267 5.93 26.98 -22.75
N SER A 268 6.38 26.91 -21.51
CA SER A 268 7.09 25.75 -20.99
C SER A 268 6.15 24.70 -20.39
N PHE A 269 4.85 24.97 -20.37
CA PHE A 269 3.88 24.05 -19.78
C PHE A 269 3.16 23.27 -20.88
N ASN A 270 3.01 21.97 -20.65
CA ASN A 270 2.36 21.05 -21.57
C ASN A 270 1.74 19.90 -20.78
N LEU A 271 0.57 19.44 -21.22
CA LEU A 271 -0.06 18.30 -20.56
C LEU A 271 0.56 17.00 -21.05
N PRO A 272 0.98 16.10 -20.16
CA PRO A 272 1.56 14.81 -20.59
C PRO A 272 0.50 13.77 -20.88
N GLN A 273 -0.30 14.02 -21.93
CA GLN A 273 -1.42 13.17 -22.29
C GLN A 273 -1.48 12.94 -23.79
N TYR A 274 -1.94 11.76 -24.17
CA TYR A 274 -2.29 11.53 -25.57
C TYR A 274 -3.60 10.75 -25.59
N HIS A 275 -4.50 11.16 -26.47
CA HIS A 275 -5.82 10.54 -26.54
C HIS A 275 -5.92 9.76 -27.83
N PRO A 276 -5.70 8.45 -27.81
CA PRO A 276 -5.53 7.69 -29.05
C PRO A 276 -6.85 7.39 -29.73
N SER A 277 -6.79 7.23 -31.04
CA SER A 277 -7.87 6.59 -31.76
C SER A 277 -7.81 5.07 -31.57
N VAL A 278 -8.89 4.41 -31.97
CA VAL A 278 -8.90 2.94 -32.01
C VAL A 278 -7.74 2.42 -32.85
N GLU A 279 -7.55 2.99 -34.04
CA GLU A 279 -6.43 2.60 -34.90
C GLU A 279 -5.09 2.72 -34.17
N ASP A 280 -4.86 3.84 -33.48
CA ASP A 280 -3.63 4.01 -32.70
C ASP A 280 -3.41 2.83 -31.76
N LEU A 281 -4.46 2.45 -31.03
CA LEU A 281 -4.32 1.40 -30.03
C LEU A 281 -4.05 0.06 -30.70
N GLU A 282 -4.85 -0.27 -31.72
CA GLU A 282 -4.71 -1.54 -32.42
C GLU A 282 -3.32 -1.70 -33.02
N MET A 283 -2.78 -0.62 -33.60
CA MET A 283 -1.44 -0.67 -34.18
C MET A 283 -0.40 -1.09 -33.13
N VAL A 284 -0.40 -0.45 -31.96
CA VAL A 284 0.58 -0.79 -30.93
C VAL A 284 0.34 -2.21 -30.41
N ILE A 285 -0.92 -2.59 -30.21
CA ILE A 285 -1.24 -3.92 -29.73
C ILE A 285 -0.72 -4.96 -30.73
N GLU A 286 -1.00 -4.76 -32.02
CA GLU A 286 -0.59 -5.73 -33.03
C GLU A 286 0.94 -5.81 -33.13
N MET A 287 1.63 -4.68 -33.08
CA MET A 287 3.09 -4.72 -33.10
C MET A 287 3.64 -5.43 -31.87
N ASN A 288 3.03 -5.20 -30.71
CA ASN A 288 3.45 -5.92 -29.52
C ASN A 288 3.21 -7.43 -29.66
N ASP A 289 2.07 -7.82 -30.23
CA ASP A 289 1.78 -9.19 -30.66
C ASP A 289 1.60 -10.15 -29.48
N CYS A 290 1.42 -9.66 -28.26
CA CYS A 290 1.27 -10.59 -27.14
C CYS A 290 -0.17 -10.77 -26.71
N PHE A 291 -1.08 -9.89 -27.13
CA PHE A 291 -2.49 -9.97 -26.79
C PHE A 291 -3.31 -10.02 -28.05
N THR A 292 -4.41 -10.77 -28.02
CA THR A 292 -5.40 -10.67 -29.06
C THR A 292 -6.46 -9.65 -28.64
N ILE A 293 -6.91 -8.84 -29.60
CA ILE A 293 -8.02 -7.93 -29.36
C ILE A 293 -9.32 -8.72 -29.47
N GLU A 294 -10.00 -8.91 -28.34
CA GLU A 294 -11.27 -9.62 -28.32
C GLU A 294 -12.45 -8.69 -28.59
N ARG A 295 -12.39 -7.44 -28.12
CA ARG A 295 -13.42 -6.46 -28.43
C ARG A 295 -12.82 -5.06 -28.26
N VAL A 296 -13.21 -4.15 -29.15
CA VAL A 296 -12.95 -2.74 -28.97
C VAL A 296 -14.25 -1.98 -29.24
N GLY A 297 -14.42 -0.86 -28.55
CA GLY A 297 -15.65 -0.10 -28.68
C GLY A 297 -15.57 1.20 -27.91
N THR A 298 -16.69 1.92 -27.91
CA THR A 298 -16.87 3.16 -27.17
C THR A 298 -17.83 2.94 -26.00
N LEU A 299 -17.64 3.73 -24.95
CA LEU A 299 -18.47 3.60 -23.77
C LEU A 299 -19.51 4.71 -23.78
N PRO A 300 -20.79 4.40 -23.96
CA PRO A 300 -21.81 5.45 -23.90
C PRO A 300 -21.92 6.01 -22.51
N HIS A 301 -21.41 7.22 -22.30
CA HIS A 301 -21.35 7.78 -20.95
C HIS A 301 -22.75 8.00 -20.38
N PRO A 302 -23.00 7.60 -19.12
CA PRO A 302 -24.35 7.79 -18.54
C PRO A 302 -24.82 9.24 -18.52
N MET A 303 -23.93 10.17 -18.19
CA MET A 303 -24.33 11.57 -18.08
C MET A 303 -24.48 12.22 -19.45
N LYS A 304 -24.84 11.40 -20.45
CA LYS A 304 -24.93 11.87 -21.83
C LYS A 304 -26.11 12.82 -22.04
N ASN A 305 -27.27 12.49 -21.46
CA ASN A 305 -28.48 13.28 -21.67
C ASN A 305 -28.54 14.52 -20.78
N LEU A 306 -27.80 14.54 -19.68
CA LEU A 306 -27.90 15.59 -18.68
C LEU A 306 -27.45 16.94 -19.26
N PRO A 307 -27.87 18.04 -18.65
CA PRO A 307 -27.38 19.36 -19.11
C PRO A 307 -25.93 19.55 -18.71
N PHE A 308 -25.16 20.17 -19.60
CA PHE A 308 -23.75 20.43 -19.30
C PHE A 308 -23.58 21.27 -18.04
N ASP A 309 -22.74 20.80 -17.12
CA ASP A 309 -22.62 21.36 -15.78
C ASP A 309 -21.32 22.18 -15.69
N VAL A 310 -21.43 23.49 -15.93
CA VAL A 310 -20.26 24.36 -16.03
C VAL A 310 -19.40 24.29 -14.77
N GLN A 311 -20.01 24.32 -13.59
CA GLN A 311 -19.23 24.37 -12.36
C GLN A 311 -18.67 23.01 -12.00
N ARG A 312 -19.50 21.96 -12.06
CA ARG A 312 -19.01 20.62 -11.75
C ARG A 312 -17.82 20.26 -12.63
N THR A 313 -17.86 20.65 -13.90
CA THR A 313 -16.77 20.35 -14.83
C THR A 313 -15.51 21.10 -14.42
N SER A 314 -15.65 22.38 -14.07
CA SER A 314 -14.50 23.17 -13.64
C SER A 314 -13.80 22.49 -12.47
N LEU A 315 -14.56 21.91 -11.54
CA LEU A 315 -13.98 21.29 -10.36
C LEU A 315 -13.44 19.90 -10.66
N GLN A 316 -13.95 19.23 -11.70
CA GLN A 316 -13.33 17.97 -12.10
C GLN A 316 -12.01 18.22 -12.82
N VAL A 317 -11.93 19.29 -13.61
CA VAL A 317 -10.65 19.65 -14.23
C VAL A 317 -9.62 20.00 -13.17
N ARG A 318 -10.02 20.86 -12.21
CA ARG A 318 -9.11 21.24 -11.13
C ARG A 318 -8.65 20.02 -10.33
N ALA A 319 -9.58 19.13 -9.98
CA ALA A 319 -9.19 17.96 -9.21
C ALA A 319 -8.19 17.09 -9.98
N ILE A 320 -8.23 17.15 -11.30
CA ILE A 320 -7.31 16.35 -12.10
C ILE A 320 -5.98 17.07 -12.26
N MET A 321 -6.02 18.37 -12.51
CA MET A 321 -4.84 19.12 -12.90
C MET A 321 -4.12 19.79 -11.74
N GLU A 322 -4.60 19.60 -10.50
CA GLU A 322 -4.10 20.38 -9.38
C GLU A 322 -2.63 20.09 -9.12
N CYS A 323 -2.27 18.81 -8.99
CA CYS A 323 -0.88 18.44 -8.74
C CYS A 323 0.04 19.00 -9.82
N ILE A 324 -0.29 18.76 -11.09
CA ILE A 324 0.63 19.12 -12.16
C ILE A 324 0.67 20.64 -12.39
N LEU A 325 -0.47 21.34 -12.20
CA LEU A 325 -0.44 22.80 -12.31
C LEU A 325 0.28 23.42 -11.11
N THR A 326 0.12 22.81 -9.93
CA THR A 326 0.81 23.31 -8.75
C THR A 326 2.31 23.04 -8.83
N GLU A 327 2.71 21.94 -9.46
CA GLU A 327 4.13 21.65 -9.61
C GLU A 327 4.82 22.70 -10.47
N HIS A 328 4.13 23.22 -11.50
CA HIS A 328 4.73 24.12 -12.47
C HIS A 328 4.52 25.59 -12.13
N PHE A 329 3.27 25.99 -11.93
CA PHE A 329 2.98 27.30 -11.37
C PHE A 329 2.81 27.14 -9.87
N GLY A 330 2.64 28.24 -9.15
CA GLY A 330 2.32 28.12 -7.75
C GLY A 330 0.96 27.45 -7.54
N GLU A 331 0.74 26.94 -6.34
CA GLU A 331 -0.66 26.69 -5.98
C GLU A 331 -1.42 28.00 -5.85
N ASN A 332 -0.69 29.12 -5.71
CA ASN A 332 -1.27 30.45 -5.81
C ASN A 332 -2.16 30.61 -7.03
N ILE A 333 -1.80 29.93 -8.12
CA ILE A 333 -2.48 30.17 -9.39
C ILE A 333 -3.87 29.53 -9.47
N LEU A 334 -4.16 28.54 -8.63
CA LEU A 334 -5.35 27.71 -8.83
C LEU A 334 -6.64 28.54 -8.80
N ASP A 335 -6.89 29.26 -7.69
CA ASP A 335 -8.16 29.98 -7.58
C ASP A 335 -8.36 31.01 -8.68
N PRO A 336 -7.44 31.93 -8.97
CA PRO A 336 -7.70 32.87 -10.06
C PRO A 336 -7.74 32.23 -11.42
N LEU A 337 -7.03 31.12 -11.63
CA LEU A 337 -7.06 30.46 -12.93
C LEU A 337 -8.41 29.81 -13.19
N PHE A 338 -8.90 29.04 -12.22
CA PHE A 338 -10.13 28.29 -12.46
C PHE A 338 -11.38 29.15 -12.34
N GLU A 339 -11.27 30.35 -11.79
CA GLU A 339 -12.39 31.27 -11.93
C GLU A 339 -12.39 31.92 -13.31
N ILE A 340 -11.23 32.06 -13.95
CA ILE A 340 -11.21 32.42 -15.37
C ILE A 340 -11.68 31.25 -16.22
N TYR A 341 -11.32 30.03 -15.81
CA TYR A 341 -11.69 28.83 -16.57
C TYR A 341 -13.20 28.67 -16.63
N THR A 342 -13.86 28.75 -15.47
CA THR A 342 -15.32 28.67 -15.39
C THR A 342 -16.00 29.68 -16.32
N LYS A 343 -15.42 30.88 -16.44
CA LYS A 343 -16.00 31.89 -17.33
C LYS A 343 -15.93 31.43 -18.77
N ASN A 344 -14.85 30.79 -19.16
CA ASN A 344 -14.71 30.35 -20.54
C ASN A 344 -15.56 29.12 -20.84
N LEU A 345 -15.77 28.26 -19.85
CA LEU A 345 -16.72 27.16 -20.00
C LEU A 345 -18.14 27.69 -20.21
N GLN A 346 -18.54 28.66 -19.38
CA GLN A 346 -19.86 29.27 -19.53
C GLN A 346 -20.01 29.91 -20.91
N GLU A 347 -18.96 30.58 -21.39
CA GLU A 347 -19.03 31.22 -22.69
C GLU A 347 -19.05 30.22 -23.83
N ASN A 348 -18.62 28.98 -23.57
CA ASN A 348 -18.68 27.92 -24.58
C ASN A 348 -19.75 26.87 -24.24
N PHE A 349 -20.76 27.25 -23.43
CA PHE A 349 -21.76 26.28 -22.98
C PHE A 349 -22.39 25.55 -24.16
N HIS A 350 -22.65 26.26 -25.25
CA HIS A 350 -23.34 25.66 -26.37
C HIS A 350 -22.50 24.53 -26.97
N VAL A 351 -21.22 24.80 -27.22
CA VAL A 351 -20.33 23.78 -27.76
C VAL A 351 -20.36 22.54 -26.89
N PHE A 352 -20.15 22.69 -25.58
CA PHE A 352 -20.05 21.53 -24.70
C PHE A 352 -21.37 20.81 -24.55
N ASP A 353 -22.48 21.53 -24.59
CA ASP A 353 -23.75 20.88 -24.35
C ASP A 353 -24.29 20.20 -25.60
N LYS A 354 -23.92 20.68 -26.78
CA LYS A 354 -24.65 20.30 -27.99
C LYS A 354 -23.73 19.93 -29.16
N GLU A 355 -22.53 20.51 -29.24
CA GLU A 355 -21.76 20.45 -30.48
C GLU A 355 -20.50 19.58 -30.41
N ILE A 356 -20.11 19.07 -29.23
CA ILE A 356 -18.97 18.18 -29.12
C ILE A 356 -19.47 16.74 -28.99
N ARG A 357 -18.77 15.81 -29.65
CA ARG A 357 -19.19 14.42 -29.71
C ARG A 357 -19.18 13.80 -28.30
N LYS A 358 -20.36 13.36 -27.85
CA LYS A 358 -20.55 12.89 -26.48
C LYS A 358 -20.17 11.42 -26.32
N ASP A 359 -19.19 10.92 -27.08
CA ASP A 359 -18.75 9.51 -26.99
C ASP A 359 -17.26 9.44 -27.38
N ALA A 360 -16.41 9.81 -26.43
CA ALA A 360 -14.97 9.78 -26.63
C ALA A 360 -14.26 8.77 -25.71
N ASP A 361 -15.00 7.95 -24.97
CA ASP A 361 -14.41 6.95 -24.10
C ASP A 361 -14.33 5.62 -24.85
N LEU A 362 -13.11 5.15 -25.09
CA LEU A 362 -12.87 3.87 -25.75
C LEU A 362 -12.65 2.78 -24.72
N TYR A 363 -12.93 1.54 -25.12
CA TYR A 363 -12.60 0.40 -24.29
C TYR A 363 -12.02 -0.71 -25.15
N LEU A 364 -11.16 -1.51 -24.52
CA LEU A 364 -10.51 -2.63 -25.17
C LEU A 364 -10.63 -3.83 -24.25
N VAL A 365 -10.89 -4.99 -24.83
CA VAL A 365 -10.83 -6.26 -24.11
C VAL A 365 -9.73 -7.08 -24.77
N LEU A 366 -8.64 -7.30 -24.05
CA LEU A 366 -7.48 -8.02 -24.54
C LEU A 366 -7.37 -9.38 -23.83
N LYS A 367 -6.85 -10.35 -24.56
CA LYS A 367 -6.58 -11.69 -24.03
C LYS A 367 -5.12 -12.05 -24.30
N ARG A 368 -4.40 -12.45 -23.26
CA ARG A 368 -3.00 -12.84 -23.40
C ARG A 368 -2.87 -14.12 -24.23
N LYS A 369 -2.15 -14.05 -25.35
CA LYS A 369 -1.93 -15.17 -26.25
C LYS A 369 -1.10 -16.29 -25.62
N GLY A 370 -1.37 -17.51 -26.08
CA GLY A 370 -0.51 -18.62 -25.73
C GLY A 370 0.87 -18.54 -26.36
N ASN A 371 1.81 -19.27 -25.75
CA ASN A 371 3.22 -19.21 -26.17
C ASN A 371 3.48 -19.87 -27.51
N LEU A 372 2.57 -20.72 -27.99
CA LEU A 372 2.66 -21.28 -29.33
C LEU A 372 1.72 -20.60 -30.31
N GLU A 373 1.23 -19.39 -30.00
CA GLU A 373 0.33 -18.68 -30.90
C GLU A 373 0.91 -17.38 -31.43
N HIS A 374 2.20 -17.10 -31.19
CA HIS A 374 2.78 -15.80 -31.50
C HIS A 374 3.08 -15.66 -33.01
N GLU B 18 -7.92 -2.25 19.74
CA GLU B 18 -7.80 -2.27 18.28
C GLU B 18 -6.39 -1.78 17.86
N ALA B 19 -6.31 -0.82 16.91
CA ALA B 19 -5.09 -0.54 16.17
C ALA B 19 -4.35 0.70 16.68
N HIS B 20 -3.08 0.52 17.08
CA HIS B 20 -2.24 1.62 17.55
C HIS B 20 -0.89 1.61 16.84
N PRO B 21 -0.85 2.09 15.59
CA PRO B 21 0.42 2.13 14.84
C PRO B 21 1.37 3.18 15.43
N MET B 22 2.60 3.16 14.92
CA MET B 22 3.62 4.09 15.37
C MET B 22 3.40 5.45 14.70
N LYS B 23 4.13 6.46 15.20
CA LYS B 23 3.94 7.81 14.68
C LYS B 23 4.36 7.87 13.20
N GLY B 24 3.44 8.32 12.35
CA GLY B 24 3.67 8.37 10.92
C GLY B 24 4.56 9.52 10.47
N GLY B 25 4.67 9.67 9.15
CA GLY B 25 5.52 10.70 8.58
C GLY B 25 6.98 10.30 8.63
N ASP B 26 7.85 11.23 8.20
CA ASP B 26 9.28 10.98 8.26
C ASP B 26 10.04 12.15 8.89
N ASP B 27 9.36 12.98 9.68
CA ASP B 27 9.95 14.05 10.49
C ASP B 27 10.87 13.50 11.58
N SER B 28 11.42 14.40 12.39
CA SER B 28 12.34 14.04 13.46
C SER B 28 11.65 13.40 14.67
N HIS B 29 10.32 13.44 14.73
CA HIS B 29 9.53 12.79 15.78
C HIS B 29 8.89 11.51 15.30
N SER B 30 9.09 11.15 14.04
CA SER B 30 8.42 10.00 13.43
C SER B 30 9.10 8.70 13.87
N TYR B 31 8.32 7.61 13.80
CA TYR B 31 8.91 6.29 14.02
C TYR B 31 10.07 6.03 13.07
N SER B 32 9.95 6.49 11.82
CA SER B 32 11.00 6.16 10.84
C SER B 32 12.34 6.74 11.28
N GLN B 33 12.34 7.88 11.97
CA GLN B 33 13.56 8.50 12.48
C GLN B 33 13.84 8.24 13.96
N ASN B 34 13.01 7.43 14.63
CA ASN B 34 13.19 7.15 16.07
C ASN B 34 12.93 5.66 16.36
N SER B 35 13.52 4.79 15.53
CA SER B 35 13.38 3.34 15.66
C SER B 35 14.74 2.66 15.58
N CYS B 36 15.78 3.29 16.11
CA CYS B 36 17.13 2.74 16.00
C CYS B 36 17.29 1.46 16.82
N TYR B 37 16.66 1.38 18.01
CA TYR B 37 16.78 0.17 18.81
C TYR B 37 16.21 -1.04 18.07
N GLN B 38 15.04 -0.87 17.45
CA GLN B 38 14.46 -1.99 16.71
C GLN B 38 15.31 -2.34 15.48
N LYS B 39 16.04 -1.36 14.92
CA LYS B 39 16.95 -1.69 13.82
C LYS B 39 18.11 -2.55 14.31
N GLY B 40 18.65 -2.23 15.50
CA GLY B 40 19.65 -3.10 16.10
C GLY B 40 19.18 -4.54 16.27
N VAL B 41 17.89 -4.72 16.58
CA VAL B 41 17.33 -6.06 16.71
C VAL B 41 17.47 -6.80 15.38
N ILE B 42 16.99 -6.19 14.30
CA ILE B 42 17.06 -6.79 12.97
C ILE B 42 18.50 -7.00 12.52
N ASP B 43 19.41 -6.10 12.91
CA ASP B 43 20.81 -6.26 12.54
C ASP B 43 21.41 -7.54 13.13
N ALA B 44 21.21 -7.75 14.43
CA ALA B 44 21.72 -8.96 15.05
C ALA B 44 20.99 -10.21 14.57
N ALA B 45 19.76 -10.05 14.08
CA ALA B 45 19.01 -11.19 13.58
C ALA B 45 19.44 -11.65 12.20
N LYS B 46 20.25 -10.86 11.47
CA LYS B 46 20.67 -11.26 10.13
C LYS B 46 21.33 -12.64 10.18
N ALA B 47 22.21 -12.85 11.15
CA ALA B 47 22.85 -14.15 11.32
C ALA B 47 21.82 -15.26 11.52
N VAL B 48 20.72 -14.95 12.22
CA VAL B 48 19.69 -15.97 12.43
C VAL B 48 18.98 -16.30 11.13
N ILE B 49 18.71 -15.28 10.33
CA ILE B 49 18.05 -15.49 9.05
C ILE B 49 18.89 -16.41 8.17
N VAL B 50 20.19 -16.10 8.06
CA VAL B 50 21.07 -16.82 7.13
C VAL B 50 21.22 -18.28 7.56
N GLU B 51 21.39 -18.51 8.86
CA GLU B 51 21.52 -19.88 9.34
C GLU B 51 20.24 -20.66 9.09
N ALA B 52 19.09 -20.02 9.28
CA ALA B 52 17.81 -20.72 9.07
C ALA B 52 17.59 -21.05 7.60
N VAL B 53 17.92 -20.13 6.70
CA VAL B 53 17.80 -20.41 5.27
C VAL B 53 18.73 -21.57 4.89
N ASN B 54 19.99 -21.48 5.32
CA ASN B 54 20.97 -22.50 4.95
C ASN B 54 20.59 -23.87 5.48
N GLU B 55 20.16 -23.95 6.74
CA GLU B 55 20.01 -25.25 7.38
C GLU B 55 18.60 -25.81 7.33
N LYS B 56 17.58 -24.97 7.16
CA LYS B 56 16.21 -25.43 7.35
C LYS B 56 15.26 -25.14 6.20
N LEU B 57 15.62 -24.27 5.25
CA LEU B 57 14.75 -24.00 4.10
C LEU B 57 15.09 -25.01 3.03
N ASP B 58 14.20 -25.98 2.82
CA ASP B 58 14.49 -27.14 1.97
C ASP B 58 14.14 -26.79 0.52
N LEU B 59 15.00 -25.99 -0.11
CA LEU B 59 14.79 -25.60 -1.50
C LEU B 59 15.00 -26.78 -2.46
N GLU B 60 16.14 -27.47 -2.34
CA GLU B 60 16.62 -28.41 -3.35
C GLU B 60 15.60 -29.49 -3.67
N ASN B 61 15.19 -29.53 -4.94
CA ASN B 61 14.31 -30.57 -5.47
C ASN B 61 12.98 -30.62 -4.71
N ASN B 62 12.45 -29.44 -4.39
CA ASN B 62 11.20 -29.33 -3.64
C ASN B 62 10.18 -28.63 -4.51
N PRO B 63 9.10 -29.31 -4.92
CA PRO B 63 8.09 -28.65 -5.77
C PRO B 63 7.46 -27.42 -5.13
N ILE B 64 7.32 -27.41 -3.80
CA ILE B 64 6.73 -26.29 -3.07
C ILE B 64 7.52 -25.00 -3.29
N PHE B 65 8.83 -25.11 -3.49
CA PHE B 65 9.70 -23.95 -3.68
C PHE B 65 10.20 -23.84 -5.12
N ASP B 66 9.53 -24.47 -6.07
CA ASP B 66 9.78 -24.38 -7.50
C ASP B 66 10.12 -22.94 -7.92
N PRO B 67 11.35 -22.69 -8.37
CA PRO B 67 11.73 -21.31 -8.71
C PRO B 67 11.14 -20.78 -10.02
N ILE B 68 10.24 -21.54 -10.66
CA ILE B 68 9.48 -20.99 -11.77
C ILE B 68 8.28 -20.20 -11.24
N LYS B 69 7.87 -20.45 -10.00
CA LYS B 69 6.94 -19.60 -9.26
C LYS B 69 7.72 -18.63 -8.40
N PRO B 70 7.14 -17.48 -8.04
CA PRO B 70 7.90 -16.54 -7.21
C PRO B 70 8.03 -17.04 -5.77
N PHE B 71 9.08 -16.58 -5.11
CA PHE B 71 9.28 -16.82 -3.69
C PHE B 71 8.65 -15.65 -2.93
N ARG B 72 7.62 -15.93 -2.12
CA ARG B 72 6.83 -14.90 -1.46
C ARG B 72 7.23 -14.75 0.00
N ILE B 73 7.60 -13.52 0.38
CA ILE B 73 8.00 -13.14 1.73
C ILE B 73 7.01 -12.11 2.26
N ALA B 74 6.64 -12.24 3.52
CA ALA B 74 5.73 -11.32 4.19
C ALA B 74 6.31 -10.88 5.54
N ASP B 75 6.32 -9.57 5.78
CA ASP B 75 6.72 -8.98 7.05
C ASP B 75 5.45 -8.50 7.77
N PHE B 76 5.18 -9.08 8.93
CA PHE B 76 3.99 -8.77 9.71
C PHE B 76 4.33 -7.72 10.77
N GLY B 77 3.64 -6.57 10.75
CA GLY B 77 4.01 -5.43 11.57
C GLY B 77 5.21 -4.64 11.03
N CYS B 78 5.16 -4.29 9.74
CA CYS B 78 6.31 -3.70 9.07
C CYS B 78 6.55 -2.24 9.49
N SER B 79 5.51 -1.53 9.89
CA SER B 79 5.55 -0.08 10.19
C SER B 79 5.96 0.66 8.91
N THR B 80 6.82 1.67 9.01
CA THR B 80 7.03 2.65 7.95
C THR B 80 8.45 2.63 7.39
N GLY B 81 9.29 1.70 7.84
CA GLY B 81 10.67 1.69 7.45
C GLY B 81 11.51 2.62 8.30
N PRO B 82 12.85 2.49 8.23
CA PRO B 82 13.53 1.65 7.24
C PRO B 82 13.82 0.23 7.72
N ASN B 83 13.49 -0.06 8.98
CA ASN B 83 13.85 -1.37 9.53
C ASN B 83 13.29 -2.52 8.71
N THR B 84 12.06 -2.38 8.21
CA THR B 84 11.45 -3.48 7.45
C THR B 84 12.23 -3.77 6.17
N PHE B 85 12.73 -2.73 5.50
CA PHE B 85 13.52 -2.91 4.28
C PHE B 85 14.80 -3.69 4.57
N HIS B 86 15.49 -3.37 5.67
CA HIS B 86 16.69 -4.12 6.05
C HIS B 86 16.37 -5.58 6.25
N ALA B 87 15.32 -5.88 7.03
CA ALA B 87 14.96 -7.27 7.27
C ALA B 87 14.60 -7.98 5.97
N MET B 88 13.83 -7.33 5.11
CA MET B 88 13.43 -7.97 3.86
C MET B 88 14.62 -8.21 2.95
N GLN B 89 15.53 -7.23 2.86
CA GLN B 89 16.75 -7.45 2.07
C GLN B 89 17.52 -8.65 2.59
N ASN B 90 17.62 -8.82 3.92
CA ASN B 90 18.35 -9.94 4.47
C ASN B 90 17.76 -11.27 4.04
N ILE B 91 16.42 -11.37 4.02
CA ILE B 91 15.80 -12.64 3.64
C ILE B 91 15.97 -12.89 2.15
N VAL B 92 15.81 -11.86 1.34
CA VAL B 92 15.97 -12.00 -0.11
C VAL B 92 17.40 -12.44 -0.45
N GLU B 93 18.39 -11.72 0.06
CA GLU B 93 19.80 -12.05 -0.22
C GLU B 93 20.12 -13.49 0.17
N SER B 94 19.75 -13.90 1.38
CA SER B 94 20.03 -15.26 1.83
C SER B 94 19.34 -16.29 0.96
N VAL B 95 18.05 -16.06 0.65
CA VAL B 95 17.31 -17.03 -0.16
C VAL B 95 17.82 -17.02 -1.59
N GLU B 96 18.17 -15.84 -2.10
CA GLU B 96 18.83 -15.70 -3.40
C GLU B 96 20.09 -16.56 -3.45
N THR B 97 21.00 -16.36 -2.51
CA THR B 97 22.24 -17.11 -2.46
C THR B 97 22.00 -18.63 -2.47
N LYS B 98 21.03 -19.10 -1.70
CA LYS B 98 20.79 -20.55 -1.67
C LYS B 98 20.20 -21.06 -2.97
N TYR B 99 19.38 -20.25 -3.64
CA TYR B 99 18.88 -20.68 -4.94
C TYR B 99 20.00 -20.71 -5.99
N LYS B 100 20.91 -19.74 -5.94
CA LYS B 100 22.01 -19.71 -6.90
C LYS B 100 22.86 -20.97 -6.79
N SER B 101 23.26 -21.32 -5.56
CA SER B 101 23.96 -22.58 -5.32
C SER B 101 23.24 -23.79 -5.91
N LEU B 102 21.95 -23.65 -6.24
CA LEU B 102 21.17 -24.70 -6.89
C LEU B 102 20.93 -24.43 -8.37
N GLN B 103 21.60 -23.44 -8.95
CA GLN B 103 21.49 -23.11 -10.37
C GLN B 103 20.11 -22.56 -10.73
N LYS B 104 19.48 -21.83 -9.81
CA LYS B 104 18.15 -21.29 -10.03
C LYS B 104 18.14 -19.83 -9.62
N THR B 105 17.15 -19.12 -10.10
CA THR B 105 17.06 -17.72 -9.72
C THR B 105 15.60 -17.26 -9.85
N PRO B 106 14.83 -17.32 -8.78
CA PRO B 106 13.41 -16.96 -8.87
C PRO B 106 13.19 -15.46 -8.76
N GLU B 107 11.95 -15.06 -9.01
CA GLU B 107 11.55 -13.71 -8.64
C GLU B 107 11.07 -13.74 -7.21
N PHE B 108 11.20 -12.59 -6.53
CA PHE B 108 10.74 -12.43 -5.16
C PHE B 108 9.55 -11.48 -5.11
N HIS B 109 8.56 -11.85 -4.33
CA HIS B 109 7.40 -11.00 -4.08
C HIS B 109 7.34 -10.77 -2.58
N VAL B 110 7.56 -9.52 -2.16
CA VAL B 110 7.69 -9.15 -0.76
C VAL B 110 6.47 -8.32 -0.36
N PHE B 111 5.77 -8.76 0.70
CA PHE B 111 4.56 -8.12 1.19
C PHE B 111 4.82 -7.45 2.53
N PHE B 112 4.42 -6.19 2.67
CA PHE B 112 4.57 -5.44 3.91
C PHE B 112 3.21 -5.30 4.56
N ASN B 113 2.99 -6.02 5.66
CA ASN B 113 1.72 -5.97 6.37
C ASN B 113 1.81 -5.14 7.63
N ASP B 114 0.74 -4.38 7.91
CA ASP B 114 0.56 -3.64 9.13
C ASP B 114 -0.93 -3.27 9.23
N HIS B 115 -1.29 -2.59 10.32
CA HIS B 115 -2.65 -2.09 10.52
C HIS B 115 -3.08 -1.16 9.37
N VAL B 116 -4.40 -1.01 9.22
CA VAL B 116 -4.95 -0.20 8.14
C VAL B 116 -4.45 1.22 8.23
N ASN B 117 -4.32 1.76 9.44
CA ASN B 117 -3.95 3.16 9.61
C ASN B 117 -2.45 3.35 9.81
N ASN B 118 -1.65 2.31 9.53
CA ASN B 118 -0.22 2.50 9.32
C ASN B 118 0.03 3.50 8.19
N ASP B 119 1.14 4.22 8.27
CA ASP B 119 1.45 5.23 7.26
C ASP B 119 2.14 4.52 6.07
N PHE B 120 1.31 3.89 5.23
CA PHE B 120 1.84 3.17 4.07
C PHE B 120 2.40 4.12 3.03
N ASN B 121 1.86 5.35 2.94
CA ASN B 121 2.42 6.35 2.04
C ASN B 121 3.91 6.54 2.30
N VAL B 122 4.28 6.73 3.57
CA VAL B 122 5.68 6.94 3.91
C VAL B 122 6.48 5.68 3.61
N LEU B 123 5.90 4.51 3.88
CA LEU B 123 6.59 3.27 3.55
C LEU B 123 6.87 3.20 2.05
N PHE B 124 5.84 3.40 1.24
CA PHE B 124 5.99 3.26 -0.21
C PHE B 124 6.96 4.29 -0.76
N ARG B 125 6.90 5.53 -0.25
CA ARG B 125 7.78 6.58 -0.73
C ARG B 125 9.24 6.37 -0.37
N SER B 126 9.54 5.52 0.63
CA SER B 126 10.92 5.27 1.02
C SER B 126 11.41 3.89 0.61
N LEU B 127 10.62 3.14 -0.15
CA LEU B 127 11.06 1.86 -0.69
C LEU B 127 12.42 2.03 -1.37
N PRO B 128 13.38 1.14 -1.12
CA PRO B 128 14.70 1.28 -1.73
C PRO B 128 14.58 1.31 -3.22
N PRO B 129 15.14 2.33 -3.87
CA PRO B 129 14.86 2.52 -5.30
C PRO B 129 15.39 1.38 -6.15
N ASN B 130 16.62 0.97 -5.91
CA ASN B 130 17.21 -0.15 -6.62
C ASN B 130 17.03 -1.37 -5.72
N ARG B 131 16.02 -2.18 -6.05
CA ARG B 131 15.68 -3.33 -5.26
C ARG B 131 15.37 -4.47 -6.21
N GLU B 132 15.56 -5.69 -5.73
CA GLU B 132 15.41 -6.87 -6.56
C GLU B 132 14.20 -7.70 -6.16
N PHE B 133 13.13 -7.03 -5.73
CA PHE B 133 11.90 -7.72 -5.39
C PHE B 133 10.71 -6.86 -5.77
N PHE B 134 9.62 -7.53 -6.11
CA PHE B 134 8.36 -6.83 -6.24
C PHE B 134 7.74 -6.62 -4.87
N ALA B 135 7.14 -5.45 -4.69
CA ALA B 135 6.70 -4.95 -3.40
C ALA B 135 5.19 -4.72 -3.40
N ALA B 136 4.55 -5.04 -2.26
CA ALA B 136 3.12 -4.79 -2.06
C ALA B 136 2.85 -4.55 -0.58
N GLY B 137 1.92 -3.65 -0.29
CA GLY B 137 1.50 -3.39 1.08
C GLY B 137 0.16 -4.05 1.36
N VAL B 138 0.03 -4.61 2.55
CA VAL B 138 -1.15 -5.39 2.92
C VAL B 138 -1.73 -4.83 4.22
N PRO B 139 -2.76 -3.99 4.14
CA PRO B 139 -3.40 -3.47 5.37
C PRO B 139 -4.27 -4.51 6.05
N GLY B 140 -4.15 -4.63 7.36
CA GLY B 140 -4.99 -5.57 8.09
C GLY B 140 -4.30 -6.07 9.33
N SER B 141 -5.10 -6.46 10.32
CA SER B 141 -4.54 -6.97 11.56
C SER B 141 -3.95 -8.34 11.33
N PHE B 142 -2.74 -8.58 11.83
CA PHE B 142 -2.18 -9.91 11.63
C PHE B 142 -2.72 -10.94 12.62
N TYR B 143 -3.70 -10.57 13.46
CA TYR B 143 -4.50 -11.57 14.17
C TYR B 143 -5.61 -12.13 13.30
N THR B 144 -5.68 -11.72 12.03
CA THR B 144 -6.61 -12.25 11.05
C THR B 144 -5.82 -12.75 9.84
N ARG B 145 -6.51 -13.44 8.93
CA ARG B 145 -5.94 -13.86 7.65
C ARG B 145 -5.85 -12.66 6.72
N VAL B 146 -4.68 -12.43 6.12
CA VAL B 146 -4.50 -11.35 5.16
C VAL B 146 -3.96 -11.82 3.82
N PHE B 147 -3.62 -13.11 3.67
CA PHE B 147 -3.15 -13.71 2.44
C PHE B 147 -4.02 -14.90 2.05
N PRO B 148 -4.06 -15.24 0.76
CA PRO B 148 -4.62 -16.55 0.37
C PRO B 148 -3.86 -17.69 1.03
N LYS B 149 -4.56 -18.81 1.20
CA LYS B 149 -3.97 -20.01 1.79
C LYS B 149 -2.74 -20.47 1.00
N ASN B 150 -1.79 -21.03 1.74
CA ASN B 150 -0.71 -21.81 1.12
C ASN B 150 0.07 -21.00 0.10
N SER B 151 0.39 -19.76 0.45
CA SER B 151 0.98 -18.86 -0.51
C SER B 151 2.27 -18.19 -0.05
N ILE B 152 2.63 -18.26 1.23
CA ILE B 152 3.81 -17.57 1.73
C ILE B 152 4.90 -18.60 2.02
N HIS B 153 6.11 -18.31 1.57
CA HIS B 153 7.25 -19.22 1.77
C HIS B 153 8.13 -18.81 2.94
N PHE B 154 8.17 -17.52 3.28
CA PHE B 154 8.97 -17.03 4.39
C PHE B 154 8.22 -15.89 5.05
N ALA B 155 7.89 -16.05 6.33
CA ALA B 155 7.30 -14.97 7.12
C ALA B 155 8.32 -14.41 8.09
N HIS B 156 8.13 -13.13 8.42
CA HIS B 156 8.99 -12.40 9.34
C HIS B 156 8.10 -11.52 10.22
N CYS B 157 8.45 -11.42 11.49
CA CYS B 157 7.70 -10.57 12.41
C CYS B 157 8.65 -10.11 13.51
N SER B 158 8.98 -8.82 13.52
CA SER B 158 9.97 -8.27 14.43
C SER B 158 9.36 -7.16 15.26
N TYR B 159 9.39 -7.34 16.58
CA TYR B 159 8.98 -6.32 17.52
C TYR B 159 7.54 -5.88 17.29
N ALA B 160 6.67 -6.85 17.04
CA ALA B 160 5.27 -6.53 16.84
C ALA B 160 4.36 -7.39 17.72
N LEU B 161 4.75 -8.64 17.99
CA LEU B 161 3.83 -9.61 18.58
C LEU B 161 3.64 -9.43 20.08
N HIS B 162 4.38 -8.53 20.71
CA HIS B 162 4.07 -8.15 22.08
C HIS B 162 2.83 -7.25 22.15
N TRP B 163 2.38 -6.72 21.02
CA TRP B 163 1.15 -5.93 20.98
C TRP B 163 -0.04 -6.88 20.90
N LEU B 164 -0.86 -6.89 21.94
CA LEU B 164 -2.08 -7.69 21.99
C LEU B 164 -3.16 -7.06 21.11
N SER B 165 -4.22 -7.84 20.84
CA SER B 165 -5.36 -7.30 20.09
C SER B 165 -6.19 -6.35 20.93
N LYS B 166 -6.08 -6.42 22.25
CA LYS B 166 -6.87 -5.57 23.12
C LYS B 166 -6.31 -5.68 24.52
N VAL B 167 -6.76 -4.78 25.38
CA VAL B 167 -6.49 -4.87 26.82
C VAL B 167 -7.32 -6.00 27.41
N PRO B 168 -6.75 -6.87 28.24
CA PRO B 168 -7.57 -7.89 28.92
C PRO B 168 -8.70 -7.24 29.68
N LYS B 169 -9.93 -7.70 29.43
CA LYS B 169 -11.09 -7.00 29.97
C LYS B 169 -11.09 -7.01 31.49
N GLU B 170 -10.53 -8.04 32.12
CA GLU B 170 -10.59 -8.11 33.58
C GLU B 170 -9.74 -7.05 34.27
N ILE B 171 -8.69 -6.53 33.63
CA ILE B 171 -7.95 -5.45 34.31
C ILE B 171 -8.66 -4.12 34.15
N GLN B 172 -9.74 -4.06 33.37
CA GLN B 172 -10.61 -2.88 33.29
C GLN B 172 -11.83 -2.99 34.19
N ASP B 173 -12.00 -4.11 34.88
CA ASP B 173 -13.20 -4.42 35.66
C ASP B 173 -12.98 -3.93 37.08
N LYS B 174 -13.68 -2.86 37.48
CA LYS B 174 -13.54 -2.35 38.84
C LYS B 174 -13.81 -3.43 39.88
N ASN B 175 -14.65 -4.41 39.55
CA ASN B 175 -15.02 -5.45 40.49
C ASN B 175 -13.91 -6.48 40.71
N SER B 176 -12.94 -6.56 39.81
CA SER B 176 -11.98 -7.66 39.80
C SER B 176 -10.75 -7.32 40.63
N LEU B 177 -10.14 -8.35 41.21
CA LEU B 177 -8.83 -8.14 41.84
C LEU B 177 -7.76 -7.82 40.81
N ALA B 178 -8.05 -8.08 39.54
CA ALA B 178 -7.15 -7.73 38.44
C ALA B 178 -7.18 -6.25 38.08
N TYR B 179 -8.10 -5.48 38.67
CA TYR B 179 -8.27 -4.08 38.28
C TYR B 179 -6.95 -3.33 38.44
N ASN B 180 -6.48 -2.77 37.34
CA ASN B 180 -5.13 -2.20 37.30
C ASN B 180 -5.16 -0.72 37.69
N LYS B 181 -5.55 -0.48 38.94
CA LYS B 181 -5.69 0.88 39.46
C LYS B 181 -4.31 1.52 39.62
N GLY B 182 -4.22 2.80 39.23
CA GLY B 182 -3.04 3.61 39.43
C GLY B 182 -1.82 3.22 38.62
N ARG B 183 -1.99 2.36 37.62
CA ARG B 183 -0.88 1.84 36.80
C ARG B 183 -1.41 1.70 35.38
N ILE B 184 -0.47 1.53 34.43
CA ILE B 184 -0.84 1.37 33.03
C ILE B 184 -0.32 0.09 32.44
N HIS B 185 0.46 -0.68 33.18
CA HIS B 185 0.93 -1.96 32.69
C HIS B 185 1.15 -2.90 33.87
N TYR B 186 2.14 -3.78 33.80
CA TYR B 186 2.48 -4.66 34.90
C TYR B 186 3.99 -4.65 35.11
N THR B 187 4.39 -4.93 36.33
CA THR B 187 5.80 -5.13 36.66
C THR B 187 6.13 -6.59 36.89
N GLY B 188 5.13 -7.42 37.16
CA GLY B 188 5.35 -8.80 37.49
C GLY B 188 4.99 -9.19 38.91
N THR B 189 4.79 -8.22 39.83
CA THR B 189 4.38 -8.57 41.19
C THR B 189 2.88 -8.64 41.37
N GLU B 190 2.11 -8.08 40.43
CA GLU B 190 0.66 -8.02 40.54
C GLU B 190 0.10 -9.26 39.87
N LYS B 191 -0.04 -10.34 40.65
CA LYS B 191 -0.23 -11.66 40.04
C LYS B 191 -1.53 -11.73 39.25
N HIS B 192 -2.55 -10.98 39.65
CA HIS B 192 -3.81 -11.03 38.91
C HIS B 192 -3.68 -10.29 37.59
N VAL B 193 -2.97 -9.17 37.59
CA VAL B 193 -2.79 -8.41 36.36
C VAL B 193 -1.96 -9.21 35.36
N VAL B 194 -0.84 -9.76 35.82
CA VAL B 194 0.06 -10.52 34.95
C VAL B 194 -0.67 -11.71 34.34
N LYS B 195 -1.43 -12.45 35.17
CA LYS B 195 -2.23 -13.57 34.65
C LYS B 195 -3.18 -13.12 33.54
N ALA B 196 -3.84 -11.98 33.74
CA ALA B 196 -4.76 -11.48 32.72
C ALA B 196 -4.03 -11.20 31.41
N TYR B 197 -2.92 -10.47 31.49
CA TYR B 197 -2.15 -10.13 30.31
C TYR B 197 -1.59 -11.40 29.65
N PHE B 198 -1.14 -12.38 30.45
CA PHE B 198 -0.69 -13.65 29.88
C PHE B 198 -1.82 -14.39 29.17
N GLY B 199 -3.02 -14.41 29.76
CA GLY B 199 -4.14 -15.04 29.09
C GLY B 199 -4.46 -14.39 27.75
N GLN B 200 -4.45 -13.07 27.69
CA GLN B 200 -4.71 -12.40 26.44
C GLN B 200 -3.65 -12.73 25.40
N PHE B 201 -2.39 -12.82 25.83
CA PHE B 201 -1.32 -13.18 24.91
C PHE B 201 -1.53 -14.58 24.33
N GLN B 202 -1.96 -15.53 25.16
CA GLN B 202 -2.15 -16.90 24.65
C GLN B 202 -3.21 -16.94 23.57
N ARG B 203 -4.29 -16.19 23.75
CA ARG B 203 -5.33 -16.19 22.72
C ARG B 203 -4.86 -15.48 21.45
N ASP B 204 -4.18 -14.33 21.60
CA ASP B 204 -3.77 -13.57 20.42
C ASP B 204 -2.69 -14.29 19.65
N PHE B 205 -1.63 -14.72 20.33
CA PHE B 205 -0.52 -15.40 19.66
C PHE B 205 -1.01 -16.69 19.00
N GLU B 206 -1.95 -17.39 19.63
CA GLU B 206 -2.52 -18.57 18.99
C GLU B 206 -3.30 -18.19 17.73
N GLY B 207 -4.07 -17.11 17.77
CA GLY B 207 -4.76 -16.67 16.57
C GLY B 207 -3.81 -16.27 15.46
N PHE B 208 -2.74 -15.56 15.81
CA PHE B 208 -1.66 -15.27 14.86
C PHE B 208 -1.09 -16.55 14.25
N LEU B 209 -0.75 -17.54 15.08
CA LEU B 209 -0.20 -18.79 14.55
C LEU B 209 -1.21 -19.52 13.68
N LYS B 210 -2.48 -19.48 14.05
CA LYS B 210 -3.49 -20.17 13.26
C LYS B 210 -3.60 -19.55 11.87
N ALA B 211 -3.56 -18.22 11.81
CA ALA B 211 -3.66 -17.55 10.53
C ALA B 211 -2.41 -17.80 9.68
N ARG B 212 -1.23 -17.74 10.30
CA ARG B 212 0.00 -17.97 9.54
C ARG B 212 0.08 -19.41 9.03
N ALA B 213 -0.36 -20.38 9.84
CA ALA B 213 -0.37 -21.77 9.40
C ALA B 213 -1.21 -21.96 8.13
N GLN B 214 -2.30 -21.21 8.00
CA GLN B 214 -3.07 -21.35 6.78
C GLN B 214 -2.35 -20.72 5.59
N GLU B 215 -1.49 -19.73 5.83
CA GLU B 215 -0.91 -18.96 4.74
C GLU B 215 0.46 -19.47 4.31
N ILE B 216 1.20 -20.10 5.22
CA ILE B 216 2.57 -20.51 4.98
C ILE B 216 2.60 -21.94 4.43
N VAL B 217 3.41 -22.16 3.38
CA VAL B 217 3.53 -23.49 2.73
C VAL B 217 4.19 -24.48 3.69
N VAL B 218 3.93 -25.77 3.44
CA VAL B 218 4.62 -26.83 4.17
C VAL B 218 6.12 -26.64 3.97
N GLY B 219 6.86 -26.59 5.09
CA GLY B 219 8.28 -26.29 5.05
C GLY B 219 8.63 -24.82 4.98
N GLY B 220 7.64 -23.94 4.86
CA GLY B 220 7.93 -22.52 4.97
C GLY B 220 8.42 -22.16 6.36
N LEU B 221 9.25 -21.12 6.43
CA LEU B 221 9.82 -20.65 7.68
C LEU B 221 9.14 -19.37 8.14
N MET B 222 9.09 -19.19 9.46
CA MET B 222 8.67 -17.93 10.05
C MET B 222 9.69 -17.55 11.12
N VAL B 223 10.27 -16.37 10.97
CA VAL B 223 11.25 -15.87 11.92
C VAL B 223 10.58 -14.77 12.71
N ILE B 224 10.59 -14.90 14.04
CA ILE B 224 9.94 -13.98 14.95
C ILE B 224 10.99 -13.42 15.88
N GLN B 225 11.01 -12.10 16.04
CA GLN B 225 11.75 -11.39 17.07
C GLN B 225 10.75 -10.64 17.93
N ILE B 226 10.89 -10.72 19.25
CA ILE B 226 9.89 -10.14 20.16
C ILE B 226 10.55 -9.69 21.46
N PRO B 227 10.24 -8.51 21.99
CA PRO B 227 10.73 -8.15 23.32
C PRO B 227 10.10 -9.07 24.35
N GLY B 228 10.91 -9.67 25.23
CA GLY B 228 10.37 -10.67 26.13
C GLY B 228 10.88 -10.63 27.55
N LEU B 229 10.67 -11.72 28.25
CA LEU B 229 11.22 -11.89 29.58
C LEU B 229 12.58 -12.58 29.45
N PRO B 230 13.67 -11.96 29.88
CA PRO B 230 14.99 -12.60 29.77
C PRO B 230 15.05 -13.91 30.53
N SER B 231 15.97 -14.78 30.11
CA SER B 231 16.09 -16.10 30.70
C SER B 231 16.27 -16.01 32.22
N GLY B 232 15.53 -16.84 32.94
CA GLY B 232 15.62 -16.85 34.39
C GLY B 232 15.23 -15.55 35.05
N GLU B 233 14.30 -14.80 34.45
CA GLU B 233 13.84 -13.54 35.03
C GLU B 233 12.34 -13.61 35.12
N VAL B 234 11.80 -13.24 36.28
CA VAL B 234 10.35 -13.24 36.47
C VAL B 234 9.77 -11.83 36.53
N LEU B 235 10.57 -10.81 36.81
CA LEU B 235 10.06 -9.45 36.94
C LEU B 235 10.25 -8.71 35.62
N PHE B 236 9.15 -8.51 34.89
CA PHE B 236 9.19 -7.66 33.69
C PHE B 236 9.75 -6.28 34.00
N SER B 237 9.61 -5.81 35.24
CA SER B 237 10.11 -4.47 35.57
C SER B 237 11.63 -4.43 35.62
N ARG B 238 12.29 -5.59 35.57
CA ARG B 238 13.74 -5.62 35.45
C ARG B 238 14.22 -5.53 34.01
N THR B 239 13.33 -5.37 33.04
CA THR B 239 13.74 -5.12 31.66
C THR B 239 13.65 -3.63 31.36
N GLY B 240 14.30 -3.23 30.27
CA GLY B 240 14.19 -1.86 29.82
C GLY B 240 12.76 -1.47 29.53
N ALA B 241 12.04 -2.31 28.78
CA ALA B 241 10.64 -2.01 28.47
C ALA B 241 9.81 -1.91 29.74
N GLY B 242 10.00 -2.85 30.67
CA GLY B 242 9.24 -2.83 31.90
C GLY B 242 9.42 -1.54 32.69
N LEU B 243 10.66 -1.09 32.85
CA LEU B 243 10.89 0.16 33.58
C LEU B 243 10.38 1.37 32.79
N LEU B 244 10.53 1.34 31.46
CA LEU B 244 10.00 2.44 30.66
C LEU B 244 8.49 2.57 30.82
N HIS B 245 7.76 1.45 30.83
CA HIS B 245 6.31 1.52 31.02
C HIS B 245 5.98 1.95 32.44
N PHE B 246 6.73 1.44 33.41
CA PHE B 246 6.46 1.82 34.79
C PHE B 246 6.61 3.32 34.98
N LEU B 247 7.66 3.91 34.39
CA LEU B 247 7.86 5.34 34.55
C LEU B 247 6.86 6.16 33.74
N LEU B 248 6.33 5.59 32.66
CA LEU B 248 5.26 6.27 31.93
C LEU B 248 3.99 6.31 32.79
N GLY B 249 3.74 5.26 33.58
CA GLY B 249 2.62 5.30 34.51
C GLY B 249 2.81 6.33 35.61
N THR B 250 4.00 6.37 36.21
CA THR B 250 4.21 7.35 37.27
C THR B 250 4.22 8.77 36.70
N SER B 251 4.69 8.95 35.46
CA SER B 251 4.61 10.27 34.85
C SER B 251 3.15 10.70 34.69
N LEU B 252 2.30 9.78 34.22
CA LEU B 252 0.87 10.05 34.14
C LEU B 252 0.28 10.38 35.51
N MET B 253 0.65 9.62 36.54
CA MET B 253 0.13 9.93 37.86
C MET B 253 0.63 11.28 38.37
N GLU B 254 1.82 11.71 37.92
CA GLU B 254 2.26 13.07 38.23
C GLU B 254 1.35 14.10 37.60
N LEU B 255 0.89 13.83 36.36
CA LEU B 255 -0.10 14.69 35.73
C LEU B 255 -1.43 14.69 36.51
N VAL B 256 -1.81 13.53 37.07
CA VAL B 256 -2.99 13.50 37.93
C VAL B 256 -2.80 14.44 39.11
N ASN B 257 -1.66 14.32 39.79
CA ASN B 257 -1.37 15.16 40.95
C ASN B 257 -1.42 16.65 40.58
N LYS B 258 -0.99 17.01 39.37
CA LYS B 258 -0.96 18.41 38.99
C LYS B 258 -2.31 18.90 38.45
N GLY B 259 -3.32 18.03 38.41
CA GLY B 259 -4.62 18.43 37.92
C GLY B 259 -4.73 18.52 36.42
N ILE B 260 -3.71 18.06 35.70
CA ILE B 260 -3.71 18.15 34.24
C ILE B 260 -4.59 17.04 33.64
N ILE B 261 -4.69 15.88 34.28
CA ILE B 261 -5.66 14.85 33.91
C ILE B 261 -6.29 14.31 35.20
N ASN B 262 -7.45 13.70 35.07
CA ASN B 262 -8.04 13.17 36.29
C ASN B 262 -7.61 11.72 36.51
N GLU B 263 -7.80 11.27 37.75
CA GLU B 263 -7.28 9.99 38.19
C GLU B 263 -7.95 8.83 37.45
N GLU B 264 -9.23 8.96 37.13
CA GLU B 264 -9.96 7.88 36.48
C GLU B 264 -9.41 7.61 35.08
N SER B 265 -8.93 8.64 34.39
CA SER B 265 -8.40 8.41 33.05
C SER B 265 -7.12 7.58 33.08
N VAL B 266 -6.32 7.68 34.15
CA VAL B 266 -5.18 6.79 34.28
C VAL B 266 -5.65 5.41 34.74
N ASP B 267 -6.59 5.37 35.69
CA ASP B 267 -7.07 4.07 36.16
C ASP B 267 -7.58 3.23 35.00
N SER B 268 -8.25 3.86 34.03
CA SER B 268 -8.87 3.15 32.92
C SER B 268 -7.94 2.91 31.74
N PHE B 269 -6.72 3.42 31.78
CA PHE B 269 -5.77 3.27 30.69
C PHE B 269 -4.79 2.15 31.00
N ASN B 270 -4.54 1.29 30.00
CA ASN B 270 -3.58 0.21 30.13
C ASN B 270 -2.96 -0.05 28.77
N LEU B 271 -1.66 -0.41 28.77
CA LEU B 271 -0.99 -0.81 27.53
C LEU B 271 -1.43 -2.21 27.12
N PRO B 272 -1.87 -2.42 25.88
CA PRO B 272 -2.19 -3.78 25.39
C PRO B 272 -0.94 -4.51 24.91
N GLN B 273 -0.13 -4.93 25.87
CA GLN B 273 1.16 -5.56 25.59
C GLN B 273 1.41 -6.67 26.61
N TYR B 274 2.06 -7.74 26.14
CA TYR B 274 2.61 -8.77 27.01
C TYR B 274 4.00 -9.14 26.49
N HIS B 275 4.95 -9.31 27.40
CA HIS B 275 6.33 -9.62 27.02
C HIS B 275 6.63 -11.03 27.48
N PRO B 276 6.47 -12.03 26.61
CA PRO B 276 6.50 -13.42 27.05
C PRO B 276 7.92 -13.88 27.32
N SER B 277 8.02 -14.90 28.18
CA SER B 277 9.25 -15.69 28.26
C SER B 277 9.33 -16.67 27.10
N VAL B 278 10.48 -17.33 26.97
CA VAL B 278 10.60 -18.40 25.98
C VAL B 278 9.56 -19.48 26.26
N GLU B 279 9.36 -19.79 27.54
CA GLU B 279 8.41 -20.84 27.91
C GLU B 279 6.98 -20.46 27.57
N ASP B 280 6.62 -19.18 27.79
CA ASP B 280 5.31 -18.70 27.33
C ASP B 280 5.14 -18.93 25.83
N LEU B 281 6.18 -18.63 25.04
CA LEU B 281 6.07 -18.78 23.59
C LEU B 281 5.94 -20.26 23.21
N GLU B 282 6.82 -21.11 23.74
CA GLU B 282 6.79 -22.54 23.43
C GLU B 282 5.45 -23.16 23.78
N MET B 283 4.87 -22.75 24.90
CA MET B 283 3.59 -23.33 25.30
C MET B 283 2.51 -23.02 24.28
N VAL B 284 2.47 -21.79 23.76
CA VAL B 284 1.46 -21.48 22.75
C VAL B 284 1.77 -22.21 21.46
N ILE B 285 3.06 -22.31 21.10
CA ILE B 285 3.41 -22.95 19.83
C ILE B 285 3.05 -24.43 19.85
N GLU B 286 3.33 -25.12 20.98
CA GLU B 286 2.97 -26.52 21.15
C GLU B 286 1.47 -26.72 21.06
N MET B 287 0.70 -25.83 21.69
CA MET B 287 -0.74 -25.95 21.68
C MET B 287 -1.31 -25.83 20.28
N ASN B 288 -0.85 -24.82 19.53
CA ASN B 288 -1.32 -24.64 18.16
C ASN B 288 -0.94 -25.83 17.28
N ASP B 289 0.27 -26.38 17.47
CA ASP B 289 0.66 -27.67 16.88
C ASP B 289 0.76 -27.62 15.35
N CYS B 290 1.10 -26.46 14.77
CA CYS B 290 1.27 -26.36 13.32
C CYS B 290 2.68 -26.04 12.90
N PHE B 291 3.52 -25.58 13.80
CA PHE B 291 4.90 -25.25 13.52
C PHE B 291 5.79 -26.07 14.43
N THR B 292 6.97 -26.42 13.93
CA THR B 292 8.05 -26.90 14.76
C THR B 292 8.98 -25.73 15.07
N ILE B 293 9.57 -25.76 16.26
CA ILE B 293 10.55 -24.75 16.66
C ILE B 293 11.90 -25.28 16.21
N GLU B 294 12.50 -24.62 15.23
CA GLU B 294 13.80 -25.05 14.75
C GLU B 294 14.93 -24.39 15.50
N ARG B 295 14.74 -23.14 15.89
CA ARG B 295 15.72 -22.38 16.66
C ARG B 295 14.96 -21.47 17.62
N VAL B 296 15.61 -21.14 18.73
CA VAL B 296 15.02 -20.31 19.76
C VAL B 296 16.14 -19.84 20.67
N GLY B 297 16.05 -18.60 21.14
CA GLY B 297 17.11 -18.07 21.96
C GLY B 297 16.97 -16.57 22.15
N THR B 298 18.07 -15.96 22.54
CA THR B 298 18.12 -14.56 22.88
C THR B 298 19.16 -13.91 21.97
N LEU B 299 18.80 -12.77 21.36
CA LEU B 299 19.72 -12.05 20.49
C LEU B 299 20.61 -11.14 21.32
N PRO B 300 21.93 -11.14 21.10
CA PRO B 300 22.77 -10.12 21.72
C PRO B 300 22.53 -8.78 21.03
N HIS B 301 22.29 -7.75 21.83
CA HIS B 301 21.88 -6.55 21.10
C HIS B 301 23.05 -5.60 20.91
N PRO B 302 23.25 -5.09 19.69
CA PRO B 302 24.45 -4.30 19.40
C PRO B 302 24.66 -3.08 20.30
N MET B 303 23.60 -2.37 20.66
CA MET B 303 23.74 -1.17 21.49
C MET B 303 23.92 -1.47 22.97
N LYS B 304 24.22 -2.73 23.33
CA LYS B 304 24.25 -3.14 24.73
C LYS B 304 25.25 -2.32 25.55
N ASN B 305 26.38 -1.94 24.95
CA ASN B 305 27.43 -1.27 25.71
C ASN B 305 27.34 0.25 25.64
N LEU B 306 26.45 0.78 24.81
CA LEU B 306 26.34 2.23 24.70
C LEU B 306 25.71 2.81 25.96
N PRO B 307 26.10 4.03 26.34
CA PRO B 307 25.43 4.68 27.47
C PRO B 307 23.97 4.98 27.14
N PHE B 308 23.12 4.78 28.14
CA PHE B 308 21.71 5.14 28.04
C PHE B 308 21.58 6.56 27.50
N ASP B 309 20.67 6.73 26.54
CA ASP B 309 20.43 8.03 25.91
C ASP B 309 19.03 8.50 26.28
N VAL B 310 18.97 9.54 27.12
CA VAL B 310 17.67 9.94 27.68
C VAL B 310 16.78 10.55 26.59
N GLN B 311 17.28 11.54 25.85
CA GLN B 311 16.41 12.25 24.92
C GLN B 311 15.94 11.34 23.80
N ARG B 312 16.80 10.42 23.32
CA ARG B 312 16.39 9.54 22.22
C ARG B 312 15.41 8.49 22.71
N THR B 313 15.68 7.89 23.88
CA THR B 313 14.76 6.94 24.48
C THR B 313 13.37 7.55 24.67
N SER B 314 13.32 8.75 25.24
CA SER B 314 12.04 9.44 25.43
C SER B 314 11.33 9.67 24.10
N LEU B 315 12.09 10.07 23.06
CA LEU B 315 11.52 10.24 21.73
C LEU B 315 11.08 8.92 21.13
N GLN B 316 11.85 7.85 21.37
CA GLN B 316 11.47 6.54 20.86
C GLN B 316 10.15 6.10 21.48
N VAL B 317 9.98 6.34 22.79
CA VAL B 317 8.75 5.92 23.46
C VAL B 317 7.58 6.74 22.95
N ARG B 318 7.77 8.05 22.82
CA ARG B 318 6.70 8.88 22.27
C ARG B 318 6.31 8.42 20.87
N ALA B 319 7.29 8.10 20.03
CA ALA B 319 6.97 7.63 18.69
C ALA B 319 6.10 6.37 18.76
N ILE B 320 6.38 5.49 19.72
CA ILE B 320 5.61 4.24 19.83
C ILE B 320 4.22 4.50 20.39
N MET B 321 4.12 5.39 21.39
CA MET B 321 2.92 5.49 22.21
C MET B 321 1.98 6.62 21.82
N GLU B 322 2.41 7.51 20.92
CA GLU B 322 1.64 8.73 20.67
C GLU B 322 0.20 8.42 20.30
N CYS B 323 0.00 7.43 19.44
CA CYS B 323 -1.35 7.15 18.96
C CYS B 323 -2.26 6.69 20.08
N ILE B 324 -1.86 5.65 20.81
CA ILE B 324 -2.71 5.11 21.86
C ILE B 324 -2.88 6.13 23.00
N LEU B 325 -1.84 6.89 23.32
CA LEU B 325 -2.00 7.97 24.31
C LEU B 325 -2.97 9.04 23.82
N THR B 326 -2.86 9.42 22.55
CA THR B 326 -3.77 10.45 22.05
C THR B 326 -5.21 9.96 22.01
N GLU B 327 -5.43 8.69 21.74
CA GLU B 327 -6.81 8.20 21.69
C GLU B 327 -7.45 8.23 23.08
N HIS B 328 -6.70 7.90 24.13
CA HIS B 328 -7.31 7.83 25.45
C HIS B 328 -7.34 9.18 26.17
N PHE B 329 -6.21 9.87 26.20
CA PHE B 329 -6.13 11.23 26.71
C PHE B 329 -6.14 12.15 25.50
N GLY B 330 -6.39 13.42 25.70
CA GLY B 330 -6.32 14.30 24.53
C GLY B 330 -4.93 14.32 23.90
N GLU B 331 -4.83 14.98 22.75
CA GLU B 331 -3.51 15.30 22.22
C GLU B 331 -2.81 16.39 23.03
N ASN B 332 -3.58 17.18 23.78
CA ASN B 332 -3.02 18.20 24.66
C ASN B 332 -2.12 17.62 25.75
N ILE B 333 -2.13 16.31 25.94
CA ILE B 333 -1.44 15.72 27.08
C ILE B 333 -0.04 15.26 26.71
N LEU B 334 0.30 15.23 25.41
CA LEU B 334 1.56 14.61 25.00
C LEU B 334 2.77 15.44 25.43
N ASP B 335 2.77 16.74 25.14
CA ASP B 335 3.92 17.55 25.55
C ASP B 335 4.09 17.59 27.06
N PRO B 336 3.08 17.89 27.87
CA PRO B 336 3.28 17.82 29.32
C PRO B 336 3.72 16.45 29.79
N LEU B 337 3.13 15.37 29.25
CA LEU B 337 3.48 14.04 29.72
C LEU B 337 4.95 13.73 29.45
N PHE B 338 5.44 14.10 28.27
CA PHE B 338 6.80 13.69 27.93
C PHE B 338 7.86 14.62 28.49
N GLU B 339 7.49 15.86 28.83
CA GLU B 339 8.36 16.69 29.64
C GLU B 339 8.65 16.03 30.98
N ILE B 340 7.59 15.56 31.66
CA ILE B 340 7.77 14.84 32.92
C ILE B 340 8.48 13.51 32.69
N TYR B 341 8.13 12.82 31.59
CA TYR B 341 8.74 11.53 31.29
C TYR B 341 10.24 11.65 31.14
N THR B 342 10.70 12.61 30.33
CA THR B 342 12.13 12.81 30.15
C THR B 342 12.84 13.08 31.47
N LYS B 343 12.24 13.93 32.32
CA LYS B 343 12.76 14.17 33.66
C LYS B 343 12.90 12.87 34.44
N ASN B 344 11.88 12.01 34.37
CA ASN B 344 11.93 10.76 35.12
C ASN B 344 12.94 9.80 34.54
N LEU B 345 13.14 9.84 33.22
CA LEU B 345 14.20 9.02 32.64
C LEU B 345 15.58 9.50 33.12
N GLN B 346 15.80 10.82 33.20
CA GLN B 346 17.06 11.34 33.72
C GLN B 346 17.33 10.83 35.13
N GLU B 347 16.36 11.03 36.04
CA GLU B 347 16.50 10.59 37.41
C GLU B 347 16.80 9.11 37.52
N ASN B 348 16.50 8.32 36.49
CA ASN B 348 16.68 6.87 36.54
C ASN B 348 17.82 6.41 35.64
N PHE B 349 18.73 7.33 35.30
CA PHE B 349 19.79 7.06 34.32
C PHE B 349 20.59 5.82 34.69
N HIS B 350 21.04 5.74 35.94
CA HIS B 350 21.90 4.63 36.34
C HIS B 350 21.16 3.30 36.32
N VAL B 351 19.85 3.31 36.57
CA VAL B 351 19.09 2.05 36.56
C VAL B 351 19.03 1.48 35.15
N PHE B 352 18.79 2.31 34.15
CA PHE B 352 18.84 1.85 32.76
C PHE B 352 20.26 1.52 32.35
N ASP B 353 21.24 2.31 32.83
CA ASP B 353 22.60 2.20 32.32
C ASP B 353 23.26 0.90 32.76
N LYS B 354 23.09 0.52 34.03
CA LYS B 354 23.80 -0.62 34.60
C LYS B 354 22.93 -1.65 35.29
N GLU B 355 21.67 -1.35 35.59
CA GLU B 355 20.89 -2.27 36.41
C GLU B 355 19.89 -3.10 35.63
N ILE B 356 19.25 -2.58 34.58
CA ILE B 356 18.25 -3.36 33.88
C ILE B 356 18.93 -4.48 33.07
N ARG B 357 18.25 -5.62 32.97
CA ARG B 357 18.69 -6.71 32.10
C ARG B 357 18.48 -6.34 30.64
N LYS B 358 19.57 -6.33 29.88
CA LYS B 358 19.51 -5.94 28.47
C LYS B 358 19.31 -7.11 27.53
N ASP B 359 19.34 -8.34 28.04
CA ASP B 359 19.18 -9.54 27.21
C ASP B 359 17.70 -9.97 27.14
N ALA B 360 16.87 -9.06 26.63
CA ALA B 360 15.43 -9.32 26.60
C ALA B 360 14.88 -9.48 25.19
N ASP B 361 15.73 -9.51 24.16
CA ASP B 361 15.28 -9.71 22.78
C ASP B 361 15.32 -11.20 22.47
N LEU B 362 14.13 -11.80 22.32
CA LEU B 362 13.98 -13.21 22.03
C LEU B 362 13.72 -13.44 20.53
N TYR B 363 14.14 -14.58 20.02
CA TYR B 363 13.85 -14.90 18.64
C TYR B 363 13.38 -16.34 18.51
N LEU B 364 12.60 -16.60 17.46
CA LEU B 364 12.15 -17.93 17.10
C LEU B 364 12.37 -18.15 15.61
N VAL B 365 12.76 -19.36 15.24
CA VAL B 365 12.66 -19.83 13.88
C VAL B 365 11.67 -20.98 13.88
N LEU B 366 10.52 -20.80 13.22
CA LEU B 366 9.53 -21.86 13.13
C LEU B 366 9.46 -22.40 11.71
N LYS B 367 9.07 -23.67 11.58
CA LYS B 367 8.84 -24.29 10.28
C LYS B 367 7.43 -24.87 10.22
N ARG B 368 6.72 -24.58 9.15
CA ARG B 368 5.34 -25.06 9.01
C ARG B 368 5.32 -26.57 8.75
N LYS B 369 4.59 -27.30 9.59
CA LYS B 369 4.59 -28.76 9.57
C LYS B 369 3.76 -29.29 8.39
N GLY B 370 4.03 -30.55 8.04
CA GLY B 370 3.35 -31.21 6.95
C GLY B 370 1.93 -31.65 7.23
N ASN B 371 1.66 -32.94 7.09
CA ASN B 371 0.30 -33.47 7.16
C ASN B 371 0.26 -34.80 7.90
#